data_7O30
#
_entry.id   7O30
#
_cell.length_a   102.615
_cell.length_b   102.615
_cell.length_c   199.850
_cell.angle_alpha   90.000
_cell.angle_beta   90.000
_cell.angle_gamma   90.000
#
_symmetry.space_group_name_H-M   'P 42 21 2'
#
loop_
_entity.id
_entity.type
_entity.pdbx_description
1 polymer 'anti-PAS Fab 1.1 chimeric light chain'
2 polymer 'anti-PAS Fab 1.1 chimeric heavy chain'
3 polymer 'PAS#1 epitope peptide'
4 water water
#
loop_
_entity_poly.entity_id
_entity_poly.type
_entity_poly.pdbx_seq_one_letter_code
_entity_poly.pdbx_strand_id
1 'polypeptide(L)'
;DIELTQSPASLAVSLGQRATISCRASKSVSSSGYNYMFWYQQKPGQPPKLLIYLASNLESGVPDRFWGSGSGTDFTLNIH
PVEEEDAATYYCQHSRELPLTFGAGTKLEIKRTVAAPSVFIFPPSDEQLKSGTASVVCLLNNFYPREAKVQWKVDNALQS
GNSQESVTEQDSKDSTYSLSSTLTLSKADYEKHKVYACEVTHQGLSSPVTKSFNRGEC
;
L,A
2 'polypeptide(L)'
;EVKLQESGPGLVAPSQSLSITCTVSGFSLTGYGVNWVRQPPGKGLEWLGMIWGDGITDYNSALKSRLSISKDNSKSQVFL
KMNSLQTDDTARYYCARDYYGRRYYAMDYWGQGTSVTVSSASTKGPSVFPLAPSSKSTSGGTAALGCLVKDYFPEPVTVS
WNSGALTSGVHTFPAVLQSSGLYSLSSVVTVPSSSLGTQTYICNVNHKPSNTKVDKKVEPKSCHHHHHH
;
H,B
3 'polypeptide(L)' (PCA)APASPAAPA P,Q
#
# COMPACT_ATOMS: atom_id res chain seq x y z
N ASP A 1 -26.60 25.66 -13.25
CA ASP A 1 -26.97 24.44 -12.47
C ASP A 1 -27.32 23.29 -13.42
N ILE A 2 -26.47 22.25 -13.44
CA ILE A 2 -26.64 21.01 -14.25
C ILE A 2 -27.39 19.98 -13.40
N GLU A 3 -28.41 19.35 -13.98
CA GLU A 3 -29.14 18.21 -13.34
C GLU A 3 -28.64 16.91 -13.97
N LEU A 4 -28.54 15.86 -13.17
CA LEU A 4 -28.20 14.48 -13.62
C LEU A 4 -29.41 13.62 -13.28
N THR A 5 -30.02 13.03 -14.31
CA THR A 5 -31.17 12.08 -14.17
C THR A 5 -30.62 10.66 -14.27
N GLN A 6 -30.70 9.91 -13.17
CA GLN A 6 -30.22 8.51 -13.06
C GLN A 6 -31.44 7.60 -13.29
N SER A 7 -31.28 6.50 -14.04
CA SER A 7 -32.38 5.54 -14.30
C SER A 7 -31.82 4.13 -14.46
N PRO A 8 -32.55 3.09 -14.02
CA PRO A 8 -33.77 3.25 -13.21
C PRO A 8 -33.44 3.51 -11.73
N ALA A 9 -34.45 3.93 -10.96
CA ALA A 9 -34.31 4.26 -9.51
C ALA A 9 -33.86 3.00 -8.76
N SER A 10 -34.42 1.84 -9.10
CA SER A 10 -34.00 0.51 -8.57
C SER A 10 -33.99 -0.54 -9.71
N LEU A 11 -33.21 -1.60 -9.51
CA LEU A 11 -32.85 -2.61 -10.55
C LEU A 11 -32.55 -3.94 -9.85
N ALA A 12 -33.11 -5.04 -10.35
CA ALA A 12 -32.83 -6.42 -9.90
C ALA A 12 -32.08 -7.16 -11.01
N VAL A 13 -31.00 -7.86 -10.67
CA VAL A 13 -30.18 -8.65 -11.63
C VAL A 13 -29.81 -10.00 -11.01
N SER A 14 -29.77 -11.05 -11.82
CA SER A 14 -29.39 -12.43 -11.43
C SER A 14 -27.86 -12.55 -11.37
N LEU A 15 -27.33 -13.22 -10.34
CA LEU A 15 -25.90 -13.62 -10.25
C LEU A 15 -25.42 -14.06 -11.64
N GLY A 16 -24.30 -13.51 -12.12
CA GLY A 16 -23.66 -13.92 -13.38
C GLY A 16 -24.11 -13.13 -14.59
N GLN A 17 -25.22 -12.36 -14.49
CA GLN A 17 -25.80 -11.58 -15.61
C GLN A 17 -25.29 -10.13 -15.56
N ARG A 18 -25.87 -9.24 -16.36
CA ARG A 18 -25.35 -7.86 -16.60
C ARG A 18 -26.31 -6.82 -16.01
N ALA A 19 -25.76 -5.83 -15.30
CA ALA A 19 -26.46 -4.63 -14.80
C ALA A 19 -26.03 -3.42 -15.63
N THR A 20 -26.98 -2.64 -16.10
CA THR A 20 -26.77 -1.39 -16.89
C THR A 20 -27.51 -0.25 -16.20
N ILE A 21 -26.75 0.75 -15.73
CA ILE A 21 -27.28 1.94 -15.01
C ILE A 21 -26.96 3.17 -15.87
N SER A 22 -27.94 4.07 -16.02
CA SER A 22 -27.88 5.23 -16.95
C SER A 22 -27.86 6.54 -16.14
N CYS A 23 -27.08 7.51 -16.62
CA CYS A 23 -26.97 8.89 -16.09
C CYS A 23 -27.08 9.88 -17.26
N ARG A 24 -28.13 10.71 -17.26
CA ARG A 24 -28.40 11.73 -18.30
C ARG A 24 -28.23 13.14 -17.69
N ALA A 25 -27.28 13.90 -18.22
CA ALA A 25 -26.97 15.30 -17.86
C ALA A 25 -27.83 16.28 -18.68
N SER A 26 -28.32 17.35 -18.04
CA SER A 26 -29.17 18.41 -18.67
C SER A 26 -28.31 19.38 -19.51
N LYS A 27 -26.99 19.30 -19.42
CA LYS A 27 -26.01 20.01 -20.30
C LYS A 27 -24.81 19.10 -20.54
N SER A 28 -24.03 19.34 -21.59
CA SER A 28 -22.81 18.55 -21.87
C SER A 28 -21.84 18.73 -20.70
N VAL A 29 -21.14 17.67 -20.29
CA VAL A 29 -20.12 17.72 -19.20
C VAL A 29 -18.75 17.43 -19.83
N SER A 30 -18.58 17.81 -21.10
CA SER A 30 -17.32 17.68 -21.88
C SER A 30 -16.59 19.02 -21.96
N SER A 31 -15.25 18.97 -21.94
CA SER A 31 -14.33 20.13 -22.04
C SER A 31 -12.95 19.58 -22.42
N SER A 32 -12.33 20.12 -23.47
CA SER A 32 -10.95 19.79 -23.92
C SER A 32 -10.83 18.31 -24.30
N GLY A 33 -11.92 17.68 -24.75
CA GLY A 33 -11.94 16.28 -25.20
C GLY A 33 -11.96 15.29 -24.04
N TYR A 34 -12.38 15.73 -22.86
CA TYR A 34 -12.57 14.88 -21.65
C TYR A 34 -13.97 15.14 -21.08
N ASN A 35 -14.58 14.08 -20.51
CA ASN A 35 -15.95 14.11 -19.91
C ASN A 35 -15.79 14.08 -18.38
N TYR A 36 -16.19 15.14 -17.70
CA TYR A 36 -15.99 15.31 -16.23
C TYR A 36 -17.18 14.65 -15.53
N MET A 37 -17.12 13.32 -15.46
CA MET A 37 -18.22 12.41 -15.03
C MET A 37 -17.59 11.31 -14.18
N PHE A 38 -18.19 11.02 -13.02
CA PHE A 38 -17.65 10.07 -12.00
C PHE A 38 -18.79 9.18 -11.50
N TRP A 39 -18.46 7.94 -11.12
CA TRP A 39 -19.41 6.95 -10.53
C TRP A 39 -18.92 6.49 -9.14
N TYR A 40 -19.79 6.53 -8.14
CA TYR A 40 -19.52 6.02 -6.77
C TYR A 40 -20.44 4.83 -6.44
N GLN A 41 -19.92 3.90 -5.63
CA GLN A 41 -20.67 2.81 -4.95
C GLN A 41 -20.76 3.14 -3.44
N GLN A 42 -21.97 3.19 -2.88
CA GLN A 42 -22.22 3.38 -1.42
C GLN A 42 -22.94 2.15 -0.87
N LYS A 43 -22.26 1.37 -0.02
CA LYS A 43 -22.88 0.28 0.80
C LYS A 43 -23.34 0.87 2.14
N PRO A 44 -24.24 0.21 2.87
CA PRO A 44 -24.79 0.76 4.11
C PRO A 44 -23.74 0.97 5.23
N GLY A 45 -23.86 2.07 5.96
CA GLY A 45 -22.96 2.46 7.07
C GLY A 45 -21.57 2.85 6.58
N GLN A 46 -21.41 3.09 5.28
CA GLN A 46 -20.11 3.45 4.65
C GLN A 46 -20.28 4.71 3.82
N PRO A 47 -19.20 5.46 3.57
CA PRO A 47 -19.24 6.58 2.62
C PRO A 47 -19.17 6.09 1.18
N PRO A 48 -19.50 6.93 0.18
CA PRO A 48 -19.35 6.53 -1.21
C PRO A 48 -17.89 6.23 -1.54
N LYS A 49 -17.68 5.36 -2.54
CA LYS A 49 -16.36 4.87 -3.02
C LYS A 49 -16.30 5.04 -4.54
N LEU A 50 -15.36 5.83 -5.06
CA LEU A 50 -15.25 6.08 -6.51
C LEU A 50 -14.83 4.79 -7.20
N LEU A 51 -15.55 4.41 -8.26
CA LEU A 51 -15.23 3.23 -9.12
C LEU A 51 -14.71 3.71 -10.48
N ILE A 52 -15.28 4.79 -11.02
CA ILE A 52 -14.98 5.33 -12.38
C ILE A 52 -14.74 6.84 -12.28
N TYR A 53 -13.65 7.32 -12.89
CA TYR A 53 -13.32 8.76 -13.03
C TYR A 53 -13.23 9.09 -14.52
N LEU A 54 -13.63 10.32 -14.89
CA LEU A 54 -13.58 10.88 -16.26
C LEU A 54 -14.31 9.94 -17.24
N ALA A 55 -15.54 9.54 -16.91
CA ALA A 55 -16.47 8.77 -17.77
C ALA A 55 -16.06 7.30 -17.90
N SER A 56 -14.78 6.97 -18.14
CA SER A 56 -14.39 5.61 -18.62
C SER A 56 -13.15 5.03 -17.92
N ASN A 57 -12.43 5.79 -17.09
CA ASN A 57 -11.19 5.30 -16.44
C ASN A 57 -11.56 4.53 -15.16
N LEU A 58 -11.02 3.31 -15.02
CA LEU A 58 -11.29 2.37 -13.91
C LEU A 58 -10.31 2.61 -12.77
N GLU A 59 -10.78 3.05 -11.59
CA GLU A 59 -9.95 3.22 -10.37
C GLU A 59 -9.19 1.92 -10.09
N SER A 60 -7.91 2.01 -9.72
CA SER A 60 -7.05 0.81 -9.45
C SER A 60 -7.54 0.12 -8.18
N GLY A 61 -7.57 -1.23 -8.20
CA GLY A 61 -8.11 -2.06 -7.11
C GLY A 61 -9.57 -2.43 -7.33
N VAL A 62 -10.28 -1.75 -8.24
CA VAL A 62 -11.70 -2.07 -8.62
C VAL A 62 -11.66 -3.13 -9.71
N PRO A 63 -12.42 -4.25 -9.58
CA PRO A 63 -12.39 -5.32 -10.57
C PRO A 63 -12.84 -4.93 -11.99
N ASP A 64 -12.21 -5.58 -12.98
CA ASP A 64 -12.50 -5.56 -14.44
C ASP A 64 -14.01 -5.58 -14.75
N ARG A 65 -14.82 -6.17 -13.87
CA ARG A 65 -16.27 -6.42 -14.09
C ARG A 65 -17.02 -5.09 -14.25
N PHE A 66 -16.54 -4.03 -13.60
CA PHE A 66 -17.11 -2.67 -13.70
C PHE A 66 -16.48 -1.95 -14.89
N TRP A 67 -17.28 -1.24 -15.69
CA TRP A 67 -16.77 -0.30 -16.72
C TRP A 67 -17.80 0.80 -16.99
N GLY A 68 -17.31 2.03 -17.21
CA GLY A 68 -18.13 3.19 -17.59
C GLY A 68 -17.93 3.53 -19.05
N SER A 69 -18.97 4.03 -19.71
CA SER A 69 -18.88 4.58 -21.09
C SER A 69 -19.85 5.75 -21.24
N GLY A 70 -19.87 6.35 -22.44
CA GLY A 70 -20.68 7.53 -22.79
C GLY A 70 -19.81 8.75 -23.06
N SER A 71 -20.48 9.88 -23.36
CA SER A 71 -19.90 11.23 -23.57
C SER A 71 -21.03 12.24 -23.71
N GLY A 72 -20.71 13.53 -23.66
CA GLY A 72 -21.70 14.62 -23.79
C GLY A 72 -22.67 14.60 -22.64
N THR A 73 -23.88 14.06 -22.83
CA THR A 73 -24.96 14.05 -21.82
C THR A 73 -25.48 12.63 -21.54
N ASP A 74 -24.90 11.57 -22.14
CA ASP A 74 -25.42 10.18 -21.96
C ASP A 74 -24.26 9.30 -21.47
N PHE A 75 -24.39 8.79 -20.24
CA PHE A 75 -23.34 8.01 -19.55
C PHE A 75 -23.97 6.72 -19.00
N THR A 76 -23.18 5.64 -18.96
CA THR A 76 -23.61 4.30 -18.46
C THR A 76 -22.53 3.71 -17.56
N LEU A 77 -22.96 3.05 -16.47
CA LEU A 77 -22.13 2.15 -15.62
C LEU A 77 -22.61 0.72 -15.85
N ASN A 78 -21.70 -0.18 -16.24
CA ASN A 78 -22.01 -1.59 -16.53
C ASN A 78 -21.26 -2.49 -15.53
N ILE A 79 -21.93 -3.55 -15.07
CA ILE A 79 -21.37 -4.60 -14.19
C ILE A 79 -21.70 -5.94 -14.84
N HIS A 80 -20.70 -6.82 -15.00
CA HIS A 80 -20.85 -8.19 -15.56
C HIS A 80 -19.56 -8.97 -15.34
N PRO A 81 -19.58 -10.19 -14.76
CA PRO A 81 -20.78 -10.75 -14.13
C PRO A 81 -21.06 -10.10 -12.77
N VAL A 82 -22.33 -9.86 -12.44
CA VAL A 82 -22.76 -9.31 -11.12
C VAL A 82 -22.47 -10.33 -10.01
N GLU A 83 -21.82 -9.89 -8.94
CA GLU A 83 -21.50 -10.68 -7.72
C GLU A 83 -22.40 -10.25 -6.55
N GLU A 84 -22.43 -11.07 -5.49
CA GLU A 84 -23.21 -10.84 -4.25
C GLU A 84 -22.81 -9.50 -3.64
N GLU A 85 -21.52 -9.19 -3.61
CA GLU A 85 -20.96 -7.99 -2.91
C GLU A 85 -21.27 -6.69 -3.67
N ASP A 86 -21.94 -6.76 -4.82
CA ASP A 86 -22.30 -5.59 -5.67
C ASP A 86 -23.62 -4.97 -5.20
N ALA A 87 -24.36 -5.63 -4.32
CA ALA A 87 -25.58 -5.10 -3.66
C ALA A 87 -25.22 -3.78 -2.96
N ALA A 88 -25.65 -2.66 -3.53
CA ALA A 88 -25.31 -1.30 -3.06
C ALA A 88 -26.20 -0.27 -3.77
N THR A 89 -26.03 1.01 -3.44
CA THR A 89 -26.57 2.15 -4.23
C THR A 89 -25.41 2.80 -4.98
N TYR A 90 -25.62 3.05 -6.28
CA TYR A 90 -24.65 3.65 -7.23
C TYR A 90 -25.11 5.08 -7.55
N TYR A 91 -24.15 6.02 -7.62
CA TYR A 91 -24.37 7.47 -7.81
C TYR A 91 -23.43 7.97 -8.91
N CYS A 92 -23.92 8.86 -9.79
CA CYS A 92 -23.09 9.61 -10.76
C CYS A 92 -22.96 11.04 -10.25
N GLN A 93 -21.82 11.70 -10.54
CA GLN A 93 -21.63 13.18 -10.36
C GLN A 93 -20.77 13.72 -11.50
N HIS A 94 -20.86 15.03 -11.70
CA HIS A 94 -20.13 15.81 -12.74
C HIS A 94 -19.34 16.93 -12.07
N SER A 95 -18.34 17.48 -12.78
CA SER A 95 -17.60 18.69 -12.37
C SER A 95 -17.43 19.62 -13.57
N ARG A 96 -18.46 19.78 -14.39
CA ARG A 96 -18.42 20.67 -15.59
C ARG A 96 -18.48 22.13 -15.17
N GLU A 97 -19.44 22.50 -14.30
CA GLU A 97 -19.51 23.84 -13.67
C GLU A 97 -19.81 23.66 -12.16
N LEU A 98 -19.96 24.75 -11.40
CA LEU A 98 -20.43 24.69 -9.99
C LEU A 98 -21.90 25.08 -9.94
N PRO A 99 -22.70 24.53 -9.00
CA PRO A 99 -22.20 23.55 -8.02
C PRO A 99 -22.09 22.14 -8.60
N LEU A 100 -21.24 21.31 -8.00
CA LEU A 100 -21.20 19.85 -8.30
C LEU A 100 -22.56 19.29 -7.89
N THR A 101 -23.21 18.51 -8.76
CA THR A 101 -24.44 17.75 -8.46
C THR A 101 -24.22 16.25 -8.66
N PHE A 102 -25.09 15.46 -8.04
CA PHE A 102 -25.10 13.97 -8.04
C PHE A 102 -26.45 13.53 -8.60
N GLY A 103 -26.52 12.35 -9.19
CA GLY A 103 -27.81 11.69 -9.45
C GLY A 103 -28.48 11.29 -8.14
N ALA A 104 -29.79 11.03 -8.17
CA ALA A 104 -30.59 10.59 -7.00
C ALA A 104 -30.22 9.16 -6.61
N GLY A 105 -29.45 8.45 -7.44
CA GLY A 105 -28.89 7.12 -7.15
C GLY A 105 -29.70 6.01 -7.79
N THR A 106 -29.08 4.85 -8.03
CA THR A 106 -29.72 3.59 -8.48
C THR A 106 -29.37 2.47 -7.48
N LYS A 107 -30.37 1.90 -6.80
CA LYS A 107 -30.23 0.77 -5.84
C LYS A 107 -30.28 -0.55 -6.62
N LEU A 108 -29.20 -1.34 -6.55
CA LEU A 108 -29.03 -2.64 -7.24
C LEU A 108 -29.37 -3.79 -6.27
N GLU A 109 -30.46 -4.51 -6.55
CA GLU A 109 -30.83 -5.78 -5.86
C GLU A 109 -30.22 -6.97 -6.61
N ILE A 110 -29.62 -7.92 -5.89
CA ILE A 110 -29.03 -9.17 -6.44
C ILE A 110 -30.05 -10.31 -6.29
N LYS A 111 -30.56 -10.84 -7.40
CA LYS A 111 -31.53 -11.97 -7.42
C LYS A 111 -30.80 -13.28 -7.07
N ARG A 112 -31.48 -14.16 -6.34
CA ARG A 112 -30.98 -15.51 -5.95
C ARG A 112 -32.17 -16.46 -5.81
N THR A 113 -31.92 -17.76 -5.65
CA THR A 113 -32.96 -18.81 -5.48
C THR A 113 -33.79 -18.48 -4.24
N VAL A 114 -35.11 -18.71 -4.33
CA VAL A 114 -36.07 -18.50 -3.20
C VAL A 114 -35.49 -19.19 -1.96
N ALA A 115 -35.59 -18.55 -0.79
CA ALA A 115 -35.12 -19.08 0.52
C ALA A 115 -36.05 -18.60 1.63
N ALA A 116 -36.54 -19.53 2.46
CA ALA A 116 -37.57 -19.27 3.49
C ALA A 116 -36.92 -18.76 4.77
N PRO A 117 -37.65 -17.96 5.60
CA PRO A 117 -37.10 -17.44 6.85
C PRO A 117 -37.02 -18.45 7.99
N SER A 118 -36.06 -18.25 8.89
CA SER A 118 -35.97 -18.90 10.23
C SER A 118 -36.70 -17.99 11.22
N VAL A 119 -37.94 -18.31 11.58
CA VAL A 119 -38.79 -17.48 12.48
C VAL A 119 -38.44 -17.78 13.94
N PHE A 120 -38.33 -16.74 14.76
CA PHE A 120 -38.17 -16.79 16.24
C PHE A 120 -39.15 -15.79 16.85
N ILE A 121 -39.41 -15.91 18.15
CA ILE A 121 -40.26 -14.95 18.94
C ILE A 121 -39.58 -14.71 20.29
N PHE A 122 -39.81 -13.53 20.86
CA PHE A 122 -39.12 -13.05 22.10
C PHE A 122 -40.15 -12.40 23.01
N PRO A 123 -40.28 -12.86 24.28
CA PRO A 123 -41.18 -12.23 25.24
C PRO A 123 -40.58 -10.92 25.74
N PRO A 124 -41.41 -9.98 26.24
CA PRO A 124 -40.89 -8.82 26.96
C PRO A 124 -40.01 -9.25 28.15
N SER A 125 -38.82 -8.67 28.26
CA SER A 125 -37.90 -8.79 29.41
C SER A 125 -38.64 -8.47 30.72
N ASP A 126 -38.08 -8.87 31.86
CA ASP A 126 -38.66 -8.55 33.20
C ASP A 126 -38.42 -7.06 33.47
N GLU A 127 -37.23 -6.53 33.13
CA GLU A 127 -36.85 -5.12 33.47
C GLU A 127 -37.67 -4.12 32.64
N GLN A 128 -38.11 -4.47 31.42
CA GLN A 128 -38.96 -3.58 30.58
C GLN A 128 -40.36 -3.48 31.20
N LEU A 129 -40.90 -4.60 31.67
CA LEU A 129 -42.24 -4.70 32.31
C LEU A 129 -42.28 -3.85 33.58
N LYS A 130 -41.13 -3.68 34.24
CA LYS A 130 -40.97 -2.79 35.43
C LYS A 130 -41.29 -1.34 35.05
N SER A 131 -40.78 -0.86 33.91
CA SER A 131 -40.95 0.54 33.41
C SER A 131 -42.42 0.82 33.09
N GLY A 132 -43.16 -0.16 32.56
CA GLY A 132 -44.63 -0.06 32.35
C GLY A 132 -45.07 -0.41 30.93
N THR A 133 -44.12 -0.62 30.00
CA THR A 133 -44.41 -0.99 28.59
C THR A 133 -43.98 -2.43 28.35
N ALA A 134 -44.46 -3.04 27.26
CA ALA A 134 -44.15 -4.43 26.84
C ALA A 134 -43.97 -4.50 25.32
N SER A 135 -42.78 -4.90 24.86
CA SER A 135 -42.42 -5.11 23.44
C SER A 135 -42.34 -6.61 23.15
N VAL A 136 -43.07 -7.09 22.15
CA VAL A 136 -43.03 -8.51 21.69
C VAL A 136 -42.43 -8.53 20.28
N VAL A 137 -41.22 -9.08 20.15
CA VAL A 137 -40.36 -9.04 18.93
C VAL A 137 -40.46 -10.39 18.22
N CYS A 138 -40.75 -10.36 16.92
CA CYS A 138 -40.74 -11.53 16.00
C CYS A 138 -39.65 -11.33 14.95
N LEU A 139 -38.69 -12.27 14.86
CA LEU A 139 -37.53 -12.24 13.93
C LEU A 139 -37.80 -13.18 12.74
N LEU A 140 -37.57 -12.71 11.51
CA LEU A 140 -37.57 -13.51 10.25
C LEU A 140 -36.16 -13.44 9.65
N ASN A 141 -35.33 -14.46 9.89
CA ASN A 141 -33.87 -14.45 9.64
C ASN A 141 -33.56 -14.96 8.21
N ASN A 142 -32.77 -14.20 7.46
CA ASN A 142 -32.09 -14.60 6.20
C ASN A 142 -33.08 -15.28 5.23
N PHE A 143 -33.95 -14.50 4.57
CA PHE A 143 -34.92 -14.97 3.57
C PHE A 143 -34.75 -14.20 2.25
N TYR A 144 -35.47 -14.63 1.20
CA TYR A 144 -35.54 -13.98 -0.14
C TYR A 144 -36.67 -14.60 -0.95
N PRO A 145 -37.51 -13.82 -1.68
CA PRO A 145 -37.40 -12.36 -1.76
C PRO A 145 -37.88 -11.58 -0.53
N ARG A 146 -37.88 -10.24 -0.63
CA ARG A 146 -38.13 -9.24 0.44
C ARG A 146 -39.61 -9.26 0.86
N GLU A 147 -40.51 -9.62 -0.05
CA GLU A 147 -41.99 -9.65 0.18
C GLU A 147 -42.29 -10.69 1.27
N ALA A 148 -42.83 -10.24 2.40
CA ALA A 148 -43.24 -11.08 3.54
C ALA A 148 -44.44 -10.44 4.24
N LYS A 149 -45.28 -11.29 4.83
CA LYS A 149 -46.50 -10.90 5.59
C LYS A 149 -46.36 -11.49 7.01
N VAL A 150 -46.41 -10.63 8.03
CA VAL A 150 -46.36 -11.00 9.47
C VAL A 150 -47.70 -10.63 10.13
N GLN A 151 -48.39 -11.64 10.68
CA GLN A 151 -49.69 -11.50 11.37
C GLN A 151 -49.50 -11.78 12.87
N TRP A 152 -49.94 -10.85 13.73
CA TRP A 152 -49.93 -10.99 15.21
C TRP A 152 -51.30 -11.51 15.68
N LYS A 153 -51.30 -12.43 16.65
CA LYS A 153 -52.51 -12.91 17.36
C LYS A 153 -52.25 -12.90 18.87
N VAL A 154 -53.22 -12.39 19.64
CA VAL A 154 -53.24 -12.40 21.13
C VAL A 154 -54.52 -13.09 21.60
N ASP A 155 -54.39 -14.32 22.13
CA ASP A 155 -55.53 -15.23 22.46
C ASP A 155 -56.36 -15.43 21.20
N ASN A 156 -55.70 -15.73 20.08
CA ASN A 156 -56.34 -16.07 18.78
C ASN A 156 -57.12 -14.86 18.24
N ALA A 157 -56.69 -13.63 18.57
CA ALA A 157 -57.35 -12.36 18.19
C ALA A 157 -56.42 -11.55 17.27
N LEU A 158 -56.86 -11.39 16.02
CA LEU A 158 -56.14 -10.73 14.89
C LEU A 158 -55.86 -9.25 15.23
N GLN A 159 -54.59 -8.86 15.31
CA GLN A 159 -54.16 -7.49 15.72
C GLN A 159 -53.85 -6.65 14.47
N SER A 160 -53.97 -5.33 14.58
CA SER A 160 -53.61 -4.34 13.52
C SER A 160 -53.43 -2.94 14.14
N GLY A 161 -52.40 -2.22 13.69
CA GLY A 161 -52.13 -0.80 14.02
C GLY A 161 -51.23 -0.63 15.23
N ASN A 162 -50.76 -1.71 15.86
CA ASN A 162 -49.97 -1.66 17.11
C ASN A 162 -48.61 -2.38 16.91
N SER A 163 -48.20 -2.59 15.65
CA SER A 163 -46.91 -3.21 15.27
C SER A 163 -46.13 -2.30 14.31
N GLN A 164 -44.81 -2.47 14.25
CA GLN A 164 -43.87 -1.74 13.35
C GLN A 164 -42.83 -2.73 12.83
N GLU A 165 -42.53 -2.68 11.53
CA GLU A 165 -41.55 -3.57 10.85
C GLU A 165 -40.26 -2.79 10.54
N SER A 166 -39.13 -3.48 10.47
CA SER A 166 -37.81 -2.94 10.06
C SER A 166 -37.01 -4.02 9.33
N VAL A 167 -36.64 -3.76 8.08
CA VAL A 167 -35.92 -4.70 7.18
C VAL A 167 -34.46 -4.25 7.07
N THR A 168 -33.52 -5.19 7.08
CA THR A 168 -32.07 -4.90 6.85
C THR A 168 -31.83 -4.67 5.36
N GLU A 169 -30.67 -4.12 5.05
CA GLU A 169 -30.17 -3.96 3.65
C GLU A 169 -29.75 -5.36 3.19
N GLN A 170 -29.86 -5.67 1.90
CA GLN A 170 -29.47 -6.99 1.31
C GLN A 170 -28.06 -7.36 1.79
N ASP A 171 -27.84 -8.62 2.16
CA ASP A 171 -26.55 -9.11 2.73
C ASP A 171 -25.49 -9.20 1.62
N SER A 172 -24.26 -8.79 1.95
CA SER A 172 -23.07 -8.76 1.04
C SER A 172 -22.66 -10.17 0.60
N LYS A 173 -22.89 -11.18 1.43
CA LYS A 173 -22.34 -12.55 1.23
C LYS A 173 -23.40 -13.47 0.59
N ASP A 174 -24.65 -13.49 1.07
CA ASP A 174 -25.70 -14.47 0.67
C ASP A 174 -26.92 -13.82 -0.01
N SER A 175 -26.97 -12.48 -0.10
CA SER A 175 -28.01 -11.73 -0.85
C SER A 175 -29.41 -11.90 -0.22
N THR A 176 -29.49 -12.20 1.08
CA THR A 176 -30.77 -12.38 1.84
C THR A 176 -31.11 -11.12 2.63
N TYR A 177 -32.37 -11.02 3.08
CA TYR A 177 -32.92 -9.96 3.96
C TYR A 177 -33.27 -10.59 5.32
N SER A 178 -33.38 -9.77 6.36
CA SER A 178 -33.95 -10.11 7.69
C SER A 178 -34.93 -9.02 8.13
N LEU A 179 -35.94 -9.37 8.94
CA LEU A 179 -37.07 -8.47 9.31
C LEU A 179 -37.41 -8.63 10.79
N SER A 180 -37.67 -7.52 11.49
CA SER A 180 -38.10 -7.47 12.91
C SER A 180 -39.39 -6.68 13.03
N SER A 181 -40.51 -7.39 13.21
CA SER A 181 -41.84 -6.83 13.57
C SER A 181 -41.96 -6.79 15.10
N THR A 182 -42.30 -5.64 15.67
CA THR A 182 -42.38 -5.42 17.14
C THR A 182 -43.80 -4.96 17.51
N LEU A 183 -44.58 -5.84 18.15
CA LEU A 183 -45.90 -5.52 18.76
C LEU A 183 -45.68 -4.77 20.08
N THR A 184 -46.38 -3.64 20.26
CA THR A 184 -46.34 -2.76 21.45
C THR A 184 -47.67 -2.83 22.19
N LEU A 185 -47.63 -3.21 23.47
CA LEU A 185 -48.78 -3.20 24.42
C LEU A 185 -48.34 -2.50 25.72
N SER A 186 -49.32 -2.11 26.54
CA SER A 186 -49.12 -1.66 27.95
C SER A 186 -49.00 -2.90 28.84
N LYS A 187 -48.36 -2.75 30.00
CA LYS A 187 -48.20 -3.83 31.02
C LYS A 187 -49.56 -4.49 31.26
N ALA A 188 -50.60 -3.67 31.43
CA ALA A 188 -51.99 -4.09 31.78
C ALA A 188 -52.55 -5.03 30.70
N ASP A 189 -52.61 -4.57 29.44
CA ASP A 189 -53.16 -5.31 28.28
C ASP A 189 -52.40 -6.64 28.10
N TYR A 190 -51.09 -6.65 28.38
CA TYR A 190 -50.20 -7.83 28.26
C TYR A 190 -50.56 -8.86 29.34
N GLU A 191 -50.67 -8.42 30.60
CA GLU A 191 -51.02 -9.28 31.77
C GLU A 191 -52.45 -9.81 31.65
N LYS A 192 -53.28 -9.16 30.83
CA LYS A 192 -54.73 -9.46 30.63
C LYS A 192 -54.91 -10.70 29.72
N HIS A 193 -53.97 -10.97 28.81
CA HIS A 193 -54.03 -12.09 27.83
C HIS A 193 -52.93 -13.12 28.13
N LYS A 194 -52.86 -14.20 27.34
CA LYS A 194 -52.11 -15.45 27.67
C LYS A 194 -51.19 -15.88 26.53
N VAL A 195 -51.74 -16.24 25.36
CA VAL A 195 -51.02 -16.82 24.19
C VAL A 195 -50.69 -15.70 23.20
N TYR A 196 -49.40 -15.51 22.89
CA TYR A 196 -48.87 -14.51 21.93
C TYR A 196 -48.27 -15.26 20.74
N ALA A 197 -48.75 -14.96 19.53
CA ALA A 197 -48.48 -15.74 18.29
C ALA A 197 -48.05 -14.83 17.13
N CYS A 198 -46.98 -15.22 16.42
CA CYS A 198 -46.45 -14.59 15.18
C CYS A 198 -46.63 -15.56 14.00
N GLU A 199 -47.34 -15.14 12.96
CA GLU A 199 -47.69 -15.97 11.77
C GLU A 199 -47.08 -15.33 10.52
N VAL A 200 -46.22 -16.07 9.82
CA VAL A 200 -45.38 -15.60 8.67
C VAL A 200 -45.88 -16.25 7.38
N THR A 201 -46.32 -15.45 6.40
CA THR A 201 -46.59 -15.89 5.01
C THR A 201 -45.43 -15.46 4.11
N HIS A 202 -44.70 -16.40 3.52
CA HIS A 202 -43.55 -16.15 2.61
C HIS A 202 -43.59 -17.13 1.43
N GLN A 203 -43.26 -16.67 0.22
CA GLN A 203 -43.28 -17.46 -1.04
C GLN A 203 -42.50 -18.76 -0.87
N GLY A 204 -41.42 -18.75 -0.09
CA GLY A 204 -40.52 -19.91 0.10
C GLY A 204 -41.05 -20.94 1.08
N LEU A 205 -42.19 -20.67 1.73
CA LEU A 205 -42.89 -21.64 2.63
C LEU A 205 -44.13 -22.16 1.88
N SER A 206 -44.47 -23.45 2.08
CA SER A 206 -45.65 -24.11 1.47
C SER A 206 -46.94 -23.56 2.09
N SER A 207 -46.96 -23.37 3.42
CA SER A 207 -48.08 -22.74 4.18
C SER A 207 -47.55 -21.94 5.37
N PRO A 208 -48.31 -20.92 5.84
CA PRO A 208 -47.87 -20.07 6.95
C PRO A 208 -47.31 -20.79 8.19
N VAL A 209 -46.06 -20.49 8.54
CA VAL A 209 -45.40 -20.91 9.83
C VAL A 209 -45.89 -19.99 10.96
N THR A 210 -46.01 -20.53 12.17
CA THR A 210 -46.42 -19.80 13.40
C THR A 210 -45.44 -20.16 14.52
N LYS A 211 -44.99 -19.17 15.28
CA LYS A 211 -44.25 -19.36 16.56
C LYS A 211 -45.02 -18.62 17.65
N SER A 212 -45.09 -19.19 18.85
CA SER A 212 -45.89 -18.65 19.99
C SER A 212 -45.32 -19.10 21.33
N PHE A 213 -45.48 -18.22 22.32
CA PHE A 213 -45.18 -18.46 23.76
C PHE A 213 -46.42 -18.10 24.56
N ASN A 214 -46.53 -18.63 25.78
CA ASN A 214 -47.54 -18.24 26.79
C ASN A 214 -46.82 -17.47 27.89
N ARG A 215 -47.44 -16.41 28.41
CA ARG A 215 -46.88 -15.53 29.48
C ARG A 215 -46.60 -16.39 30.72
N GLY A 216 -45.37 -16.35 31.25
CA GLY A 216 -44.92 -17.15 32.40
C GLY A 216 -43.99 -18.29 31.99
N GLU A 217 -44.21 -18.88 30.80
CA GLU A 217 -43.54 -20.12 30.33
C GLU A 217 -42.10 -19.83 29.92
N CYS A 218 -41.21 -20.84 30.04
CA CYS A 218 -39.79 -20.82 29.58
C CYS A 218 -39.63 -21.77 28.38
N GLU B 1 -0.74 6.46 4.84
CA GLU B 1 -1.95 6.04 5.61
C GLU B 1 -2.90 7.24 5.71
N VAL B 2 -3.74 7.46 4.70
CA VAL B 2 -4.65 8.64 4.59
C VAL B 2 -5.90 8.39 5.43
N LYS B 3 -6.20 9.30 6.37
CA LYS B 3 -7.42 9.26 7.22
C LYS B 3 -8.04 10.67 7.25
N LEU B 4 -9.38 10.73 7.37
CA LEU B 4 -10.16 11.94 7.71
C LEU B 4 -11.26 11.51 8.69
N GLN B 5 -11.50 12.28 9.76
CA GLN B 5 -12.61 12.01 10.72
C GLN B 5 -13.36 13.31 11.06
N GLU B 6 -14.67 13.31 10.84
CA GLU B 6 -15.59 14.42 11.18
C GLU B 6 -15.94 14.31 12.67
N SER B 7 -16.10 15.44 13.37
CA SER B 7 -16.61 15.53 14.75
C SER B 7 -17.52 16.77 14.89
N GLY B 8 -18.64 16.63 15.59
CA GLY B 8 -19.61 17.71 15.84
C GLY B 8 -20.67 17.28 16.85
N PRO B 9 -21.70 18.13 17.09
CA PRO B 9 -22.59 17.95 18.24
C PRO B 9 -23.55 16.76 18.18
N GLY B 10 -24.19 16.49 17.03
CA GLY B 10 -25.20 15.43 16.90
C GLY B 10 -26.60 15.98 16.95
N LEU B 11 -26.84 16.97 17.82
CA LEU B 11 -28.15 17.67 17.96
C LEU B 11 -27.94 19.19 17.98
N VAL B 12 -28.78 19.92 17.25
CA VAL B 12 -28.80 21.41 17.22
C VAL B 12 -30.26 21.86 17.12
N ALA B 13 -30.61 22.98 17.75
CA ALA B 13 -31.98 23.55 17.77
C ALA B 13 -32.20 24.39 16.51
N PRO B 14 -33.45 24.47 15.98
CA PRO B 14 -33.71 25.26 14.77
C PRO B 14 -33.33 26.75 14.96
N SER B 15 -32.88 27.39 13.88
CA SER B 15 -32.41 28.81 13.79
C SER B 15 -31.08 29.03 14.52
N GLN B 16 -30.51 28.00 15.16
CA GLN B 16 -29.19 28.05 15.84
C GLN B 16 -28.06 27.87 14.81
N SER B 17 -26.82 27.68 15.28
CA SER B 17 -25.60 27.47 14.44
C SER B 17 -25.10 26.02 14.57
N LEU B 18 -24.29 25.57 13.60
CA LEU B 18 -23.66 24.22 13.57
C LEU B 18 -22.17 24.39 13.22
N SER B 19 -21.26 23.82 14.02
CA SER B 19 -19.80 23.79 13.78
C SER B 19 -19.32 22.34 13.72
N ILE B 20 -18.72 21.93 12.60
CA ILE B 20 -18.13 20.58 12.41
C ILE B 20 -16.63 20.74 12.10
N THR B 21 -15.83 19.79 12.56
CA THR B 21 -14.36 19.77 12.41
C THR B 21 -13.99 18.46 11.71
N CYS B 22 -13.18 18.56 10.65
CA CYS B 22 -12.64 17.42 9.88
C CYS B 22 -11.14 17.37 10.18
N THR B 23 -10.70 16.31 10.87
CA THR B 23 -9.30 16.12 11.33
C THR B 23 -8.64 15.12 10.37
N VAL B 24 -7.57 15.53 9.68
CA VAL B 24 -6.89 14.70 8.64
C VAL B 24 -5.48 14.32 9.10
N SER B 25 -4.95 13.22 8.56
CA SER B 25 -3.56 12.73 8.73
C SER B 25 -3.17 11.88 7.50
N GLY B 26 -1.88 11.83 7.18
CA GLY B 26 -1.30 11.04 6.07
C GLY B 26 -1.06 11.89 4.83
N PHE B 27 -1.31 13.20 4.91
CA PHE B 27 -1.16 14.15 3.80
C PHE B 27 -1.28 15.58 4.35
N SER B 28 -0.66 16.54 3.65
CA SER B 28 -0.67 17.99 3.98
C SER B 28 -1.87 18.68 3.31
N LEU B 29 -2.56 19.55 4.05
CA LEU B 29 -3.66 20.41 3.54
C LEU B 29 -3.09 21.55 2.68
N THR B 30 -1.76 21.73 2.64
CA THR B 30 -1.10 22.73 1.75
C THR B 30 -1.20 22.24 0.29
N GLY B 31 -1.28 20.94 0.06
CA GLY B 31 -1.20 20.34 -1.29
C GLY B 31 -2.56 19.90 -1.83
N TYR B 32 -3.40 19.32 -0.97
CA TYR B 32 -4.72 18.75 -1.34
C TYR B 32 -5.82 19.68 -0.84
N GLY B 33 -6.90 19.78 -1.63
CA GLY B 33 -8.17 20.42 -1.26
C GLY B 33 -9.09 19.40 -0.61
N VAL B 34 -10.10 19.89 0.12
CA VAL B 34 -11.03 19.07 0.95
C VAL B 34 -12.44 19.64 0.78
N ASN B 35 -13.41 18.76 0.53
CA ASN B 35 -14.85 19.11 0.30
C ASN B 35 -15.67 18.77 1.54
N TRP B 36 -16.78 19.47 1.72
CA TRP B 36 -17.90 19.08 2.61
C TRP B 36 -19.08 18.59 1.75
N VAL B 37 -19.53 17.35 2.01
CA VAL B 37 -20.69 16.70 1.35
C VAL B 37 -21.62 16.17 2.44
N ARG B 38 -22.92 16.41 2.33
CA ARG B 38 -23.93 15.91 3.31
C ARG B 38 -24.90 14.94 2.62
N GLN B 39 -25.48 14.03 3.41
CA GLN B 39 -26.48 13.03 2.95
C GLN B 39 -27.65 13.03 3.93
N PRO B 40 -28.82 13.59 3.58
CA PRO B 40 -30.02 13.46 4.42
C PRO B 40 -30.43 12.00 4.51
N PRO B 41 -30.87 11.50 5.69
CA PRO B 41 -31.20 10.08 5.84
C PRO B 41 -32.30 9.69 4.84
N GLY B 42 -32.13 8.54 4.18
CA GLY B 42 -33.03 8.04 3.12
C GLY B 42 -32.67 8.55 1.72
N LYS B 43 -32.21 9.79 1.61
CA LYS B 43 -32.01 10.50 0.31
C LYS B 43 -30.54 10.37 -0.14
N GLY B 44 -30.09 11.25 -1.04
CA GLY B 44 -28.78 11.19 -1.71
C GLY B 44 -27.88 12.38 -1.40
N LEU B 45 -26.87 12.61 -2.24
CA LEU B 45 -25.65 13.38 -1.89
C LEU B 45 -25.78 14.83 -2.38
N GLU B 46 -25.44 15.79 -1.53
CA GLU B 46 -25.48 17.26 -1.81
C GLU B 46 -24.10 17.85 -1.48
N TRP B 47 -23.46 18.47 -2.47
CA TRP B 47 -22.14 19.13 -2.30
C TRP B 47 -22.34 20.50 -1.64
N LEU B 48 -21.60 20.78 -0.55
CA LEU B 48 -21.68 22.04 0.23
C LEU B 48 -20.60 23.03 -0.19
N GLY B 49 -19.34 22.58 -0.29
CA GLY B 49 -18.23 23.48 -0.66
C GLY B 49 -16.88 22.79 -0.60
N MET B 50 -15.81 23.56 -0.83
CA MET B 50 -14.42 23.05 -1.02
C MET B 50 -13.44 24.11 -0.49
N ILE B 51 -12.34 23.69 0.14
CA ILE B 51 -11.20 24.60 0.46
C ILE B 51 -9.92 23.97 -0.09
N TRP B 52 -9.33 24.61 -1.11
CA TRP B 52 -8.14 24.12 -1.85
C TRP B 52 -6.89 24.34 -1.01
N GLY B 53 -5.77 23.72 -1.41
CA GLY B 53 -4.43 23.92 -0.81
C GLY B 53 -4.09 25.39 -0.60
N ASP B 54 -4.27 26.24 -1.63
CA ASP B 54 -3.85 27.66 -1.62
C ASP B 54 -4.78 28.50 -0.74
N GLY B 55 -5.95 27.98 -0.37
CA GLY B 55 -6.94 28.66 0.50
C GLY B 55 -8.19 29.14 -0.23
N ILE B 56 -8.23 29.09 -1.57
CA ILE B 56 -9.44 29.43 -2.36
C ILE B 56 -10.58 28.50 -1.91
N THR B 57 -11.76 29.09 -1.69
CA THR B 57 -12.90 28.45 -1.01
C THR B 57 -14.12 28.60 -1.92
N ASP B 58 -14.71 27.48 -2.36
CA ASP B 58 -15.88 27.47 -3.27
C ASP B 58 -17.11 26.97 -2.50
N TYR B 59 -18.25 27.62 -2.71
CA TYR B 59 -19.53 27.26 -2.07
C TYR B 59 -20.60 26.95 -3.13
N ASN B 60 -21.45 25.96 -2.83
CA ASN B 60 -22.77 25.73 -3.45
C ASN B 60 -23.54 27.05 -3.41
N SER B 61 -23.92 27.61 -4.56
CA SER B 61 -24.54 28.97 -4.67
C SER B 61 -25.84 29.05 -3.86
N ALA B 62 -26.61 27.96 -3.76
CA ALA B 62 -27.93 27.90 -3.10
C ALA B 62 -27.82 28.08 -1.58
N LEU B 63 -26.66 27.86 -0.98
CA LEU B 63 -26.47 27.92 0.50
C LEU B 63 -25.31 28.85 0.88
N LYS B 64 -24.74 29.58 -0.08
CA LYS B 64 -23.52 30.41 0.14
C LYS B 64 -23.74 31.38 1.31
N SER B 65 -24.96 31.89 1.50
CA SER B 65 -25.30 32.95 2.48
C SER B 65 -25.25 32.41 3.92
N ARG B 66 -25.31 31.08 4.10
CA ARG B 66 -25.38 30.42 5.43
C ARG B 66 -24.09 29.65 5.73
N LEU B 67 -23.25 29.37 4.72
CA LEU B 67 -22.05 28.49 4.88
C LEU B 67 -20.79 29.33 5.14
N SER B 68 -19.86 28.75 5.90
CA SER B 68 -18.51 29.29 6.18
C SER B 68 -17.53 28.12 6.27
N ILE B 69 -16.48 28.12 5.44
CA ILE B 69 -15.49 27.01 5.37
C ILE B 69 -14.10 27.63 5.55
N SER B 70 -13.33 27.11 6.49
CA SER B 70 -11.99 27.61 6.87
C SER B 70 -11.10 26.41 7.14
N LYS B 71 -9.79 26.62 7.30
CA LYS B 71 -8.85 25.54 7.70
C LYS B 71 -7.68 26.11 8.49
N ASP B 72 -6.90 25.20 9.10
CA ASP B 72 -5.63 25.47 9.81
C ASP B 72 -4.63 24.41 9.34
N ASN B 73 -3.71 24.79 8.45
CA ASN B 73 -2.75 23.85 7.80
C ASN B 73 -1.90 23.18 8.88
N SER B 74 -1.44 23.93 9.88
CA SER B 74 -0.50 23.48 10.94
C SER B 74 -1.12 22.41 11.85
N LYS B 75 -2.43 22.49 12.10
CA LYS B 75 -3.16 21.56 13.01
C LYS B 75 -3.91 20.47 12.23
N SER B 76 -3.78 20.44 10.89
CA SER B 76 -4.44 19.47 9.98
C SER B 76 -5.94 19.39 10.25
N GLN B 77 -6.59 20.55 10.39
CA GLN B 77 -8.05 20.63 10.66
C GLN B 77 -8.71 21.46 9.54
N VAL B 78 -9.84 20.98 9.02
CA VAL B 78 -10.76 21.74 8.12
C VAL B 78 -12.07 21.98 8.88
N PHE B 79 -12.67 23.17 8.78
CA PHE B 79 -13.89 23.58 9.53
C PHE B 79 -15.05 23.90 8.57
N LEU B 80 -16.27 23.51 8.96
CA LEU B 80 -17.57 23.92 8.37
C LEU B 80 -18.43 24.56 9.46
N LYS B 81 -19.11 25.66 9.15
CA LYS B 81 -20.08 26.35 10.04
C LYS B 81 -21.31 26.76 9.22
N MET B 82 -22.50 26.39 9.67
CA MET B 82 -23.80 26.67 8.98
C MET B 82 -24.76 27.39 9.93
N ASN B 83 -25.33 28.51 9.51
CA ASN B 83 -26.27 29.35 10.28
C ASN B 83 -27.71 29.04 9.88
N SER B 84 -28.68 29.50 10.68
CA SER B 84 -30.13 29.51 10.38
C SER B 84 -30.57 28.11 9.98
N LEU B 85 -30.33 27.14 10.87
CA LEU B 85 -30.54 25.69 10.60
C LEU B 85 -32.04 25.37 10.64
N GLN B 86 -32.57 24.76 9.58
CA GLN B 86 -33.97 24.29 9.53
C GLN B 86 -33.95 22.76 9.58
N THR B 87 -35.12 22.10 9.65
CA THR B 87 -35.22 20.65 9.94
C THR B 87 -34.56 19.84 8.81
N ASP B 88 -34.63 20.30 7.56
CA ASP B 88 -34.13 19.58 6.37
C ASP B 88 -32.62 19.86 6.15
N ASP B 89 -31.91 20.40 7.15
CA ASP B 89 -30.43 20.37 7.25
C ASP B 89 -30.01 19.15 8.08
N THR B 90 -30.97 18.36 8.53
CA THR B 90 -30.75 17.05 9.22
C THR B 90 -30.09 16.12 8.20
N ALA B 91 -28.87 15.66 8.47
CA ALA B 91 -28.09 14.77 7.57
C ALA B 91 -26.81 14.29 8.25
N ARG B 92 -26.19 13.25 7.67
CA ARG B 92 -24.77 12.87 7.89
C ARG B 92 -23.90 13.85 7.09
N TYR B 93 -22.91 14.46 7.73
CA TYR B 93 -22.00 15.47 7.13
C TYR B 93 -20.62 14.84 6.95
N TYR B 94 -20.14 14.71 5.70
CA TYR B 94 -18.84 14.08 5.34
C TYR B 94 -17.83 15.14 4.88
N CYS B 95 -16.54 14.91 5.14
CA CYS B 95 -15.40 15.62 4.48
C CYS B 95 -14.69 14.62 3.57
N ALA B 96 -14.40 15.02 2.33
CA ALA B 96 -13.80 14.13 1.30
C ALA B 96 -12.66 14.88 0.60
N ARG B 97 -11.50 14.23 0.47
CA ARG B 97 -10.30 14.84 -0.16
C ARG B 97 -10.46 14.86 -1.69
N ASP B 98 -9.92 15.90 -2.34
CA ASP B 98 -9.85 16.03 -3.82
C ASP B 98 -9.13 14.80 -4.39
N TYR B 99 -9.80 14.06 -5.29
CA TYR B 99 -9.34 12.79 -5.90
C TYR B 99 -7.89 12.94 -6.39
N TYR B 100 -6.93 12.31 -5.68
CA TYR B 100 -5.48 12.17 -6.00
C TYR B 100 -4.79 13.55 -6.11
N GLY B 101 -5.45 14.62 -5.70
CA GLY B 101 -4.93 15.99 -5.79
C GLY B 101 -4.82 16.48 -7.23
N ARG B 102 -5.55 15.85 -8.16
CA ARG B 102 -5.49 16.18 -9.63
C ARG B 102 -6.46 17.31 -9.98
N ARG B 103 -7.30 17.74 -9.04
CA ARG B 103 -8.23 18.89 -9.18
C ARG B 103 -9.28 18.55 -10.25
N TYR B 104 -9.67 17.27 -10.37
CA TYR B 104 -10.79 16.82 -11.24
C TYR B 104 -12.14 17.14 -10.56
N TYR B 105 -12.09 17.60 -9.32
CA TYR B 105 -13.28 17.93 -8.48
C TYR B 105 -14.12 16.65 -8.27
N ALA B 106 -13.46 15.50 -8.09
CA ALA B 106 -14.02 14.23 -7.56
C ALA B 106 -13.38 13.93 -6.19
N MET B 107 -13.75 12.81 -5.55
CA MET B 107 -13.32 12.48 -4.16
C MET B 107 -12.75 11.05 -4.09
N ASP B 108 -11.56 10.88 -3.46
CA ASP B 108 -10.98 9.55 -3.17
C ASP B 108 -11.36 9.14 -1.75
N TYR B 109 -10.72 9.72 -0.72
CA TYR B 109 -10.81 9.30 0.71
C TYR B 109 -11.83 10.18 1.44
N TRP B 110 -12.82 9.53 2.07
CA TRP B 110 -13.89 10.15 2.90
C TRP B 110 -13.71 9.75 4.37
N GLY B 111 -14.18 10.59 5.28
CA GLY B 111 -14.40 10.20 6.68
C GLY B 111 -15.62 9.30 6.81
N GLN B 112 -15.89 8.76 8.00
CA GLN B 112 -17.06 7.86 8.22
C GLN B 112 -18.32 8.72 8.37
N GLY B 113 -18.16 10.03 8.63
CA GLY B 113 -19.27 10.99 8.73
C GLY B 113 -19.65 11.29 10.18
N THR B 114 -20.42 12.35 10.40
CA THR B 114 -21.00 12.73 11.72
C THR B 114 -22.47 13.05 11.52
N SER B 115 -23.36 12.36 12.24
CA SER B 115 -24.83 12.57 12.17
C SER B 115 -25.19 13.87 12.88
N VAL B 116 -26.11 14.64 12.29
CA VAL B 116 -26.68 15.88 12.86
C VAL B 116 -28.21 15.84 12.66
N THR B 117 -28.94 15.98 13.77
CA THR B 117 -30.41 16.20 13.78
C THR B 117 -30.67 17.65 14.16
N VAL B 118 -31.65 18.28 13.51
CA VAL B 118 -32.10 19.67 13.83
C VAL B 118 -33.52 19.58 14.41
N SER B 119 -33.64 19.76 15.73
CA SER B 119 -34.90 19.64 16.54
C SER B 119 -34.67 20.26 17.93
N SER B 120 -35.72 20.85 18.51
CA SER B 120 -35.68 21.52 19.84
C SER B 120 -35.66 20.48 20.96
N ALA B 121 -36.34 19.34 20.74
CA ALA B 121 -36.37 18.15 21.62
C ALA B 121 -35.00 17.93 22.28
N SER B 122 -34.98 17.43 23.52
CA SER B 122 -33.74 17.17 24.30
C SER B 122 -33.13 15.83 23.90
N THR B 123 -31.83 15.66 24.11
CA THR B 123 -31.10 14.38 23.96
C THR B 123 -31.69 13.38 24.97
N LYS B 124 -31.55 12.09 24.70
CA LYS B 124 -32.01 11.01 25.62
C LYS B 124 -31.29 9.71 25.26
N GLY B 125 -30.49 9.18 26.19
CA GLY B 125 -29.81 7.88 26.04
C GLY B 125 -30.82 6.74 25.91
N PRO B 126 -30.42 5.59 25.36
CA PRO B 126 -31.31 4.44 25.22
C PRO B 126 -31.43 3.60 26.51
N SER B 127 -32.57 2.94 26.69
CA SER B 127 -32.74 1.77 27.58
C SER B 127 -32.47 0.51 26.76
N VAL B 128 -31.66 -0.41 27.30
CA VAL B 128 -31.30 -1.69 26.63
C VAL B 128 -31.94 -2.84 27.42
N PHE B 129 -32.64 -3.74 26.72
CA PHE B 129 -33.33 -4.93 27.28
C PHE B 129 -32.88 -6.17 26.53
N PRO B 130 -32.65 -7.31 27.23
CA PRO B 130 -32.28 -8.55 26.55
C PRO B 130 -33.42 -9.07 25.67
N LEU B 131 -33.09 -9.72 24.55
CA LEU B 131 -34.01 -10.60 23.79
C LEU B 131 -33.51 -12.04 23.95
N ALA B 132 -33.81 -12.65 25.10
CA ALA B 132 -33.24 -13.92 25.59
C ALA B 132 -33.63 -15.07 24.66
N PRO B 133 -32.75 -16.07 24.45
CA PRO B 133 -33.05 -17.17 23.54
C PRO B 133 -34.03 -18.16 24.18
N SER B 134 -34.99 -18.66 23.39
CA SER B 134 -36.11 -19.52 23.88
C SER B 134 -35.57 -20.91 24.27
N SER B 135 -36.46 -21.79 24.74
CA SER B 135 -36.18 -23.24 24.99
C SER B 135 -36.35 -24.02 23.68
N LYS B 136 -35.34 -23.92 22.81
CA LYS B 136 -35.16 -24.67 21.55
C LYS B 136 -35.52 -26.15 21.80
N GLY B 140 -28.87 -30.08 18.98
CA GLY B 140 -28.23 -28.78 19.26
C GLY B 140 -27.98 -27.99 18.00
N GLY B 141 -29.06 -27.57 17.32
CA GLY B 141 -29.04 -26.77 16.07
C GLY B 141 -28.65 -25.31 16.30
N THR B 142 -29.48 -24.37 15.84
CA THR B 142 -29.16 -22.91 15.77
C THR B 142 -30.21 -22.10 16.56
N ALA B 143 -29.75 -21.27 17.51
CA ALA B 143 -30.57 -20.49 18.47
C ALA B 143 -30.36 -18.99 18.27
N ALA B 144 -31.43 -18.19 18.41
CA ALA B 144 -31.44 -16.72 18.18
C ALA B 144 -31.59 -15.98 19.51
N LEU B 145 -30.75 -14.96 19.73
CA LEU B 145 -30.83 -14.01 20.87
C LEU B 145 -30.50 -12.61 20.34
N GLY B 146 -30.61 -11.57 21.19
CA GLY B 146 -30.35 -10.18 20.78
C GLY B 146 -30.48 -9.18 21.92
N CYS B 147 -30.53 -7.90 21.57
CA CYS B 147 -30.72 -6.73 22.47
C CYS B 147 -31.73 -5.76 21.86
N LEU B 148 -32.71 -5.31 22.64
CA LEU B 148 -33.71 -4.29 22.24
C LEU B 148 -33.26 -2.93 22.77
N VAL B 149 -32.80 -2.05 21.87
CA VAL B 149 -32.31 -0.68 22.20
C VAL B 149 -33.49 0.28 22.03
N LYS B 150 -34.02 0.81 23.14
CA LYS B 150 -35.35 1.47 23.15
C LYS B 150 -35.24 2.90 23.68
N ASP B 151 -36.00 3.81 23.06
CA ASP B 151 -36.32 5.18 23.53
C ASP B 151 -35.02 6.00 23.64
N TYR B 152 -34.35 6.20 22.49
CA TYR B 152 -33.22 7.15 22.32
C TYR B 152 -33.63 8.22 21.30
N PHE B 153 -33.02 9.40 21.43
CA PHE B 153 -33.12 10.52 20.46
C PHE B 153 -31.92 11.44 20.67
N PRO B 154 -31.26 11.93 19.58
CA PRO B 154 -31.58 11.54 18.21
C PRO B 154 -30.80 10.31 17.72
N GLU B 155 -30.91 9.99 16.44
CA GLU B 155 -30.07 8.96 15.76
C GLU B 155 -28.62 9.42 15.80
N PRO B 156 -27.63 8.50 15.68
CA PRO B 156 -27.84 7.06 15.68
C PRO B 156 -27.31 6.36 16.95
N VAL B 157 -27.46 5.04 17.01
CA VAL B 157 -26.71 4.15 17.95
C VAL B 157 -25.89 3.14 17.13
N THR B 158 -24.73 2.74 17.64
CA THR B 158 -23.89 1.66 17.09
C THR B 158 -23.91 0.48 18.07
N VAL B 159 -24.12 -0.72 17.57
CA VAL B 159 -24.23 -1.99 18.36
C VAL B 159 -23.14 -2.96 17.89
N SER B 160 -22.22 -3.34 18.78
CA SER B 160 -21.25 -4.45 18.61
C SER B 160 -21.61 -5.59 19.56
N TRP B 161 -20.92 -6.73 19.45
CA TRP B 161 -21.10 -7.92 20.33
C TRP B 161 -19.74 -8.44 20.82
N ASN B 162 -19.57 -8.48 22.15
CA ASN B 162 -18.37 -8.96 22.86
C ASN B 162 -17.18 -8.09 22.45
N SER B 163 -17.38 -6.77 22.42
CA SER B 163 -16.39 -5.75 22.02
C SER B 163 -15.82 -6.10 20.63
N GLY B 164 -16.71 -6.31 19.65
CA GLY B 164 -16.37 -6.56 18.24
C GLY B 164 -15.86 -7.96 17.97
N ALA B 165 -15.89 -8.86 18.96
CA ALA B 165 -15.38 -10.25 18.84
C ALA B 165 -16.29 -11.05 17.90
N LEU B 166 -17.60 -11.08 18.19
CA LEU B 166 -18.64 -11.78 17.39
C LEU B 166 -19.19 -10.82 16.32
N THR B 167 -19.06 -11.19 15.04
CA THR B 167 -19.41 -10.36 13.86
C THR B 167 -20.44 -11.09 12.97
N SER B 168 -20.17 -12.35 12.63
CA SER B 168 -21.00 -13.17 11.70
C SER B 168 -22.32 -13.56 12.38
N GLY B 169 -23.43 -13.55 11.62
CA GLY B 169 -24.78 -13.88 12.09
C GLY B 169 -25.53 -12.70 12.69
N VAL B 170 -24.81 -11.60 13.01
CA VAL B 170 -25.37 -10.35 13.61
C VAL B 170 -26.20 -9.60 12.57
N HIS B 171 -27.35 -9.06 12.96
CA HIS B 171 -28.24 -8.21 12.14
C HIS B 171 -28.78 -7.06 13.00
N THR B 172 -28.15 -5.89 12.95
CA THR B 172 -28.61 -4.65 13.64
C THR B 172 -29.60 -3.93 12.71
N PHE B 173 -30.88 -3.91 13.09
CA PHE B 173 -32.00 -3.43 12.23
C PHE B 173 -31.99 -1.91 12.18
N PRO B 174 -32.40 -1.30 11.04
CA PRO B 174 -32.64 0.14 10.99
C PRO B 174 -33.57 0.58 12.13
N ALA B 175 -33.30 1.75 12.70
CA ALA B 175 -34.13 2.38 13.74
C ALA B 175 -35.51 2.70 13.13
N VAL B 176 -36.52 2.80 13.99
CA VAL B 176 -37.88 3.26 13.61
C VAL B 176 -38.24 4.42 14.53
N LEU B 177 -39.01 5.38 14.02
CA LEU B 177 -39.58 6.49 14.83
C LEU B 177 -40.93 6.04 15.38
N GLN B 178 -41.02 5.87 16.69
CA GLN B 178 -42.26 5.50 17.40
C GLN B 178 -43.14 6.75 17.50
N SER B 179 -44.42 6.58 17.81
CA SER B 179 -45.41 7.67 17.99
C SER B 179 -45.00 8.59 19.15
N SER B 180 -44.16 8.10 20.06
CA SER B 180 -43.58 8.86 21.20
C SER B 180 -42.65 9.98 20.72
N GLY B 181 -42.14 9.87 19.47
CA GLY B 181 -41.15 10.79 18.89
C GLY B 181 -39.72 10.39 19.25
N LEU B 182 -39.54 9.18 19.78
CA LEU B 182 -38.22 8.59 20.14
C LEU B 182 -37.98 7.38 19.24
N TYR B 183 -36.70 6.97 19.13
CA TYR B 183 -36.22 5.93 18.19
C TYR B 183 -36.03 4.63 18.95
N SER B 184 -36.23 3.49 18.27
CA SER B 184 -36.03 2.13 18.81
C SER B 184 -35.55 1.19 17.69
N LEU B 185 -34.55 0.35 17.98
CA LEU B 185 -34.17 -0.80 17.11
C LEU B 185 -33.89 -2.03 17.97
N SER B 186 -33.89 -3.21 17.34
CA SER B 186 -33.46 -4.50 17.91
C SER B 186 -32.21 -4.98 17.15
N SER B 187 -31.21 -5.50 17.85
CA SER B 187 -30.00 -6.13 17.27
C SER B 187 -29.95 -7.61 17.67
N VAL B 188 -29.99 -8.51 16.69
CA VAL B 188 -30.06 -9.99 16.93
C VAL B 188 -28.77 -10.65 16.45
N VAL B 189 -28.57 -11.91 16.86
CA VAL B 189 -27.42 -12.79 16.55
C VAL B 189 -27.92 -14.23 16.51
N THR B 190 -27.53 -14.99 15.49
CA THR B 190 -27.91 -16.41 15.28
C THR B 190 -26.67 -17.26 15.60
N VAL B 191 -26.54 -17.71 16.86
CA VAL B 191 -25.42 -18.56 17.36
C VAL B 191 -25.89 -20.01 17.40
N PRO B 192 -24.99 -21.02 17.54
CA PRO B 192 -25.41 -22.42 17.65
C PRO B 192 -25.86 -22.78 19.09
N SER B 193 -26.83 -23.69 19.22
CA SER B 193 -27.55 -24.03 20.48
C SER B 193 -26.56 -24.38 21.59
N SER B 194 -25.55 -25.20 21.29
CA SER B 194 -24.53 -25.73 22.24
C SER B 194 -23.91 -24.60 23.06
N SER B 195 -23.54 -23.49 22.41
CA SER B 195 -22.69 -22.40 22.96
C SER B 195 -23.40 -21.61 24.07
N LEU B 196 -24.67 -21.88 24.34
CA LEU B 196 -25.52 -21.09 25.29
C LEU B 196 -25.05 -21.27 26.74
N GLY B 197 -24.91 -22.51 27.22
CA GLY B 197 -24.44 -22.80 28.59
C GLY B 197 -22.99 -22.39 28.79
N THR B 198 -22.13 -22.72 27.81
CA THR B 198 -20.66 -22.52 27.85
C THR B 198 -20.34 -21.02 27.81
N GLN B 199 -20.46 -20.39 26.64
CA GLN B 199 -19.90 -19.04 26.34
C GLN B 199 -20.94 -17.93 26.61
N THR B 200 -20.47 -16.77 27.08
CA THR B 200 -21.32 -15.61 27.48
C THR B 200 -21.40 -14.62 26.32
N TYR B 201 -22.60 -14.04 26.08
CA TYR B 201 -22.89 -13.05 25.01
C TYR B 201 -23.25 -11.69 25.62
N ILE B 202 -22.45 -10.66 25.32
CA ILE B 202 -22.66 -9.26 25.79
C ILE B 202 -22.77 -8.35 24.57
N CYS B 203 -23.84 -7.55 24.51
CA CYS B 203 -24.10 -6.55 23.44
C CYS B 203 -23.71 -5.15 23.96
N ASN B 204 -22.73 -4.52 23.31
CA ASN B 204 -22.23 -3.17 23.66
C ASN B 204 -23.00 -2.15 22.80
N VAL B 205 -23.69 -1.21 23.45
CA VAL B 205 -24.56 -0.21 22.76
C VAL B 205 -23.97 1.18 22.98
N ASN B 206 -23.87 1.96 21.91
CA ASN B 206 -23.16 3.28 21.88
C ASN B 206 -24.09 4.33 21.27
N HIS B 207 -24.23 5.46 21.94
CA HIS B 207 -25.05 6.63 21.52
C HIS B 207 -24.21 7.91 21.73
N LYS B 208 -23.49 8.34 20.70
CA LYS B 208 -22.52 9.47 20.75
C LYS B 208 -23.20 10.75 21.23
N PRO B 209 -24.43 11.07 20.77
CA PRO B 209 -25.08 12.33 21.17
C PRO B 209 -25.28 12.53 22.68
N SER B 210 -25.55 11.45 23.44
CA SER B 210 -25.75 11.46 24.92
C SER B 210 -24.48 10.97 25.62
N ASN B 211 -23.48 10.53 24.87
CA ASN B 211 -22.15 10.06 25.36
C ASN B 211 -22.34 8.78 26.19
N THR B 212 -23.40 8.00 25.93
CA THR B 212 -23.76 6.79 26.74
C THR B 212 -23.18 5.54 26.09
N LYS B 213 -22.57 4.69 26.93
CA LYS B 213 -22.03 3.36 26.60
C LYS B 213 -22.64 2.33 27.57
N VAL B 214 -23.38 1.34 27.03
CA VAL B 214 -24.11 0.31 27.82
C VAL B 214 -23.71 -1.08 27.31
N ASP B 215 -23.00 -1.86 28.13
CA ASP B 215 -22.76 -3.31 27.91
C ASP B 215 -23.90 -4.07 28.59
N LYS B 216 -24.38 -5.18 28.01
CA LYS B 216 -25.52 -5.95 28.56
C LYS B 216 -25.35 -7.45 28.31
N LYS B 217 -25.18 -8.23 29.38
CA LYS B 217 -25.16 -9.72 29.36
C LYS B 217 -26.54 -10.20 28.85
N VAL B 218 -26.54 -11.19 27.96
CA VAL B 218 -27.79 -11.83 27.42
C VAL B 218 -27.73 -13.34 27.69
N GLU B 219 -28.47 -13.80 28.70
CA GLU B 219 -28.60 -15.23 29.10
C GLU B 219 -30.08 -15.56 29.14
N PRO B 220 -30.47 -16.86 29.24
CA PRO B 220 -31.87 -17.27 29.32
C PRO B 220 -32.32 -17.69 30.73
N LYS B 221 -33.25 -18.65 30.81
CA LYS B 221 -33.52 -19.54 31.99
C LYS B 221 -33.86 -18.71 33.24
N SER B 222 -33.85 -19.34 34.43
CA SER B 222 -34.17 -18.75 35.76
C SER B 222 -35.62 -18.24 35.77
N CYS B 223 -36.59 -19.16 35.70
CA CYS B 223 -38.05 -18.88 35.57
C CYS B 223 -38.66 -18.64 36.96
N ALA C 2 -5.25 14.76 -19.01
CA ALA C 2 -6.54 15.38 -18.73
C ALA C 2 -6.33 16.63 -17.88
N PRO C 3 -6.82 17.80 -18.33
CA PRO C 3 -6.72 19.02 -17.54
C PRO C 3 -7.66 18.98 -16.33
N ALA C 4 -7.36 19.79 -15.32
CA ALA C 4 -8.20 19.98 -14.11
C ALA C 4 -9.66 20.21 -14.53
N SER C 5 -10.60 19.97 -13.63
CA SER C 5 -12.04 20.27 -13.84
C SER C 5 -12.20 21.75 -14.20
N PRO C 6 -12.87 22.06 -15.33
CA PRO C 6 -13.13 23.44 -15.72
C PRO C 6 -13.76 24.33 -14.65
N ALA C 7 -14.46 23.73 -13.68
CA ALA C 7 -15.13 24.41 -12.57
C ALA C 7 -14.13 24.79 -11.46
N ALA C 8 -12.85 24.47 -11.63
CA ALA C 8 -11.80 24.69 -10.59
C ALA C 8 -11.01 25.96 -10.88
N PRO C 9 -10.43 26.62 -9.85
CA PRO C 9 -9.59 27.79 -10.07
C PRO C 9 -8.52 27.51 -11.14
N ALA C 10 -8.33 28.45 -12.06
CA ALA C 10 -7.27 28.40 -13.10
C ALA C 10 -6.49 29.72 -13.08
N ASP D 1 -1.16 -0.30 -16.27
CA ASP D 1 0.22 -0.74 -15.88
C ASP D 1 1.00 -1.11 -17.15
N ILE D 2 2.02 -0.33 -17.48
CA ILE D 2 2.87 -0.51 -18.70
C ILE D 2 4.09 -1.35 -18.32
N GLU D 3 4.41 -2.37 -19.12
CA GLU D 3 5.64 -3.19 -18.97
C GLU D 3 6.63 -2.74 -20.05
N LEU D 4 7.92 -2.74 -19.70
CA LEU D 4 9.03 -2.48 -20.64
C LEU D 4 9.88 -3.73 -20.72
N THR D 5 10.00 -4.33 -21.91
CA THR D 5 10.83 -5.53 -22.16
C THR D 5 12.12 -5.06 -22.82
N GLN D 6 13.25 -5.24 -22.13
CA GLN D 6 14.60 -4.86 -22.58
C GLN D 6 15.26 -6.10 -23.20
N SER D 7 16.00 -5.95 -24.29
CA SER D 7 16.74 -7.05 -24.95
C SER D 7 18.01 -6.52 -25.61
N PRO D 8 19.12 -7.30 -25.64
CA PRO D 8 19.22 -8.55 -24.89
C PRO D 8 19.56 -8.31 -23.41
N ALA D 9 19.40 -9.34 -22.58
CA ALA D 9 19.67 -9.32 -21.12
C ALA D 9 21.14 -8.94 -20.87
N SER D 10 22.05 -9.50 -21.67
CA SER D 10 23.50 -9.16 -21.69
C SER D 10 24.03 -9.10 -23.12
N LEU D 11 25.14 -8.39 -23.32
CA LEU D 11 25.71 -8.04 -24.64
C LEU D 11 27.23 -7.86 -24.50
N ALA D 12 28.01 -8.46 -25.39
CA ALA D 12 29.48 -8.25 -25.52
C ALA D 12 29.75 -7.44 -26.80
N VAL D 13 30.59 -6.40 -26.70
CA VAL D 13 30.99 -5.56 -27.86
C VAL D 13 32.50 -5.30 -27.79
N SER D 14 33.16 -5.27 -28.96
CA SER D 14 34.60 -4.97 -29.13
C SER D 14 34.82 -3.46 -29.09
N LEU D 15 35.86 -3.00 -28.38
CA LEU D 15 36.34 -1.60 -28.41
C LEU D 15 36.23 -1.07 -29.83
N GLY D 16 35.60 0.10 -30.02
CA GLY D 16 35.52 0.80 -31.31
C GLY D 16 34.28 0.45 -32.13
N GLN D 17 33.57 -0.62 -31.77
CA GLN D 17 32.38 -1.12 -32.53
C GLN D 17 31.10 -0.56 -31.89
N ARG D 18 29.93 -1.07 -32.31
CA ARG D 18 28.60 -0.50 -31.98
C ARG D 18 27.82 -1.45 -31.05
N ALA D 19 27.20 -0.89 -30.02
CA ALA D 19 26.23 -1.55 -29.12
C ALA D 19 24.83 -1.01 -29.42
N THR D 20 23.87 -1.90 -29.62
CA THR D 20 22.44 -1.56 -29.83
C THR D 20 21.61 -2.30 -28.76
N ILE D 21 20.92 -1.54 -27.90
CA ILE D 21 20.06 -2.04 -26.81
C ILE D 21 18.61 -1.64 -27.12
N SER D 22 17.67 -2.58 -26.95
CA SER D 22 16.25 -2.41 -27.34
C SER D 22 15.35 -2.41 -26.10
N CYS D 23 14.31 -1.58 -26.14
CA CYS D 23 13.26 -1.43 -25.10
C CYS D 23 11.89 -1.44 -25.80
N ARG D 24 11.08 -2.46 -25.54
CA ARG D 24 9.71 -2.62 -26.08
C ARG D 24 8.69 -2.37 -24.96
N ALA D 25 7.87 -1.33 -25.13
CA ALA D 25 6.75 -0.93 -24.24
C ALA D 25 5.49 -1.70 -24.62
N SER D 26 4.71 -2.17 -23.64
CA SER D 26 3.45 -2.94 -23.83
C SER D 26 2.30 -2.03 -24.25
N LYS D 27 2.48 -0.71 -24.14
CA LYS D 27 1.55 0.34 -24.61
C LYS D 27 2.37 1.52 -25.14
N SER D 28 1.74 2.38 -25.95
CA SER D 28 2.31 3.67 -26.40
C SER D 28 2.70 4.50 -25.18
N VAL D 29 3.85 5.17 -25.23
CA VAL D 29 4.35 6.08 -24.15
C VAL D 29 4.40 7.50 -24.72
N SER D 30 3.47 7.83 -25.62
CA SER D 30 3.41 9.11 -26.36
C SER D 30 2.23 9.96 -25.87
N SER D 31 2.45 11.27 -25.80
CA SER D 31 1.47 12.29 -25.34
C SER D 31 1.98 13.67 -25.80
N SER D 32 1.11 14.46 -26.45
CA SER D 32 1.40 15.83 -26.95
C SER D 32 2.54 15.80 -27.98
N GLY D 33 2.73 14.69 -28.70
CA GLY D 33 3.78 14.56 -29.74
C GLY D 33 5.17 14.36 -29.16
N TYR D 34 5.27 13.88 -27.92
CA TYR D 34 6.53 13.49 -27.24
C TYR D 34 6.38 12.08 -26.69
N ASN D 35 7.50 11.34 -26.68
CA ASN D 35 7.63 9.99 -26.06
C ASN D 35 8.29 10.15 -24.69
N TYR D 36 7.56 9.82 -23.61
CA TYR D 36 8.04 9.92 -22.21
C TYR D 36 8.82 8.64 -21.89
N MET D 37 10.06 8.63 -22.38
CA MET D 37 11.00 7.47 -22.40
C MET D 37 12.39 7.98 -22.04
N PHE D 38 13.05 7.30 -21.12
CA PHE D 38 14.36 7.72 -20.55
C PHE D 38 15.30 6.52 -20.47
N TRP D 39 16.60 6.78 -20.59
CA TRP D 39 17.69 5.76 -20.47
C TRP D 39 18.66 6.14 -19.35
N TYR D 40 18.97 5.22 -18.45
CA TYR D 40 19.99 5.40 -17.37
C TYR D 40 21.14 4.39 -17.57
N GLN D 41 22.34 4.80 -17.16
CA GLN D 41 23.56 3.96 -17.00
C GLN D 41 23.84 3.80 -15.48
N GLN D 42 23.94 2.57 -14.98
CA GLN D 42 24.32 2.24 -13.58
C GLN D 42 25.62 1.43 -13.58
N LYS D 43 26.71 1.99 -13.08
CA LYS D 43 27.99 1.27 -12.81
C LYS D 43 27.96 0.73 -11.38
N PRO D 44 28.82 -0.25 -11.02
CA PRO D 44 28.74 -0.90 -9.70
C PRO D 44 29.02 0.05 -8.53
N GLY D 45 28.27 -0.09 -7.43
CA GLY D 45 28.36 0.73 -6.21
C GLY D 45 27.95 2.19 -6.43
N GLN D 46 27.24 2.48 -7.53
CA GLN D 46 26.77 3.85 -7.89
C GLN D 46 25.28 3.79 -8.19
N PRO D 47 24.56 4.92 -8.10
CA PRO D 47 23.16 4.96 -8.53
C PRO D 47 23.06 5.11 -10.05
N PRO D 48 21.87 4.91 -10.66
CA PRO D 48 21.70 5.18 -12.08
C PRO D 48 21.97 6.66 -12.40
N LYS D 49 22.36 6.91 -13.66
CA LYS D 49 22.71 8.25 -14.22
C LYS D 49 21.98 8.42 -15.57
N LEU D 50 21.12 9.43 -15.70
CA LEU D 50 20.32 9.61 -16.94
C LEU D 50 21.26 10.01 -18.07
N LEU D 51 21.16 9.33 -19.23
CA LEU D 51 21.92 9.64 -20.47
C LEU D 51 20.99 10.24 -21.53
N ILE D 52 19.74 9.77 -21.63
CA ILE D 52 18.76 10.18 -22.67
C ILE D 52 17.42 10.51 -21.99
N TYR D 53 16.84 11.66 -22.33
CA TYR D 53 15.47 12.07 -21.89
C TYR D 53 14.57 12.24 -23.12
N LEU D 54 13.28 11.91 -22.98
CA LEU D 54 12.23 12.06 -24.01
C LEU D 54 12.68 11.36 -25.31
N ALA D 55 13.09 10.10 -25.20
CA ALA D 55 13.40 9.17 -26.31
C ALA D 55 14.73 9.50 -27.00
N SER D 56 15.01 10.77 -27.32
CA SER D 56 16.07 11.13 -28.31
C SER D 56 16.92 12.34 -27.91
N ASN D 57 16.61 13.04 -26.82
CA ASN D 57 17.41 14.22 -26.37
C ASN D 57 18.59 13.71 -25.53
N LEU D 58 19.81 14.15 -25.84
CA LEU D 58 21.08 13.72 -25.18
C LEU D 58 21.39 14.66 -24.01
N GLU D 59 21.37 14.16 -22.77
CA GLU D 59 21.73 14.93 -21.54
C GLU D 59 23.09 15.61 -21.76
N SER D 60 23.21 16.88 -21.35
CA SER D 60 24.45 17.68 -21.56
C SER D 60 25.54 17.12 -20.65
N GLY D 61 26.78 17.03 -21.15
CA GLY D 61 27.92 16.40 -20.46
C GLY D 61 28.13 14.94 -20.85
N VAL D 62 27.12 14.31 -21.46
CA VAL D 62 27.21 12.90 -21.96
C VAL D 62 27.78 12.92 -23.37
N PRO D 63 28.82 12.12 -23.67
CA PRO D 63 29.46 12.11 -24.99
C PRO D 63 28.55 11.79 -26.18
N ASP D 64 28.85 12.43 -27.33
CA ASP D 64 28.23 12.26 -28.68
C ASP D 64 28.01 10.79 -29.03
N ARG D 65 28.82 9.88 -28.49
CA ARG D 65 28.85 8.43 -28.83
C ARG D 65 27.50 7.78 -28.51
N PHE D 66 26.80 8.28 -27.49
CA PHE D 66 25.45 7.80 -27.07
C PHE D 66 24.39 8.55 -27.88
N TRP D 67 23.36 7.84 -28.35
CA TRP D 67 22.12 8.46 -28.89
C TRP D 67 20.94 7.48 -28.76
N GLY D 68 19.74 8.00 -28.48
CA GLY D 68 18.50 7.22 -28.42
C GLY D 68 17.61 7.52 -29.61
N SER D 69 16.83 6.54 -30.07
CA SER D 69 15.79 6.74 -31.12
C SER D 69 14.61 5.80 -30.85
N GLY D 70 13.61 5.83 -31.75
CA GLY D 70 12.38 5.03 -31.69
C GLY D 70 11.16 5.91 -31.53
N SER D 71 9.98 5.27 -31.43
CA SER D 71 8.63 5.88 -31.45
C SER D 71 7.59 4.77 -31.28
N GLY D 72 6.35 5.14 -30.95
CA GLY D 72 5.31 4.19 -30.52
C GLY D 72 5.74 3.38 -29.31
N THR D 73 6.11 2.12 -29.53
CA THR D 73 6.42 1.10 -28.51
C THR D 73 7.79 0.45 -28.74
N ASP D 74 8.59 0.95 -29.68
CA ASP D 74 9.95 0.40 -29.99
C ASP D 74 10.98 1.51 -29.84
N PHE D 75 11.90 1.36 -28.88
CA PHE D 75 12.92 2.36 -28.51
C PHE D 75 14.29 1.67 -28.45
N THR D 76 15.35 2.42 -28.74
CA THR D 76 16.74 1.90 -28.87
C THR D 76 17.72 2.89 -28.25
N LEU D 77 18.75 2.38 -27.55
CA LEU D 77 19.95 3.14 -27.10
C LEU D 77 21.14 2.62 -27.90
N ASN D 78 21.88 3.51 -28.55
CA ASN D 78 23.04 3.15 -29.41
C ASN D 78 24.29 3.79 -28.83
N ILE D 79 25.40 3.04 -28.83
CA ILE D 79 26.76 3.50 -28.41
C ILE D 79 27.71 3.14 -29.55
N HIS D 80 28.50 4.11 -30.02
CA HIS D 80 29.56 3.92 -31.05
C HIS D 80 30.45 5.17 -31.10
N PRO D 81 31.79 5.06 -30.99
CA PRO D 81 32.46 3.81 -30.63
C PRO D 81 32.31 3.49 -29.13
N VAL D 82 32.14 2.20 -28.80
CA VAL D 82 32.12 1.68 -27.39
C VAL D 82 33.50 1.87 -26.77
N GLU D 83 33.55 2.46 -25.57
CA GLU D 83 34.80 2.70 -24.78
C GLU D 83 34.83 1.78 -23.55
N GLU D 84 35.99 1.66 -22.91
CA GLU D 84 36.22 0.85 -21.69
C GLU D 84 35.24 1.28 -20.60
N GLU D 85 35.05 2.60 -20.41
CA GLU D 85 34.26 3.19 -19.30
C GLU D 85 32.76 2.95 -19.47
N ASP D 86 32.33 2.32 -20.58
CA ASP D 86 30.90 2.05 -20.90
C ASP D 86 30.44 0.72 -20.28
N ALA D 87 31.37 -0.08 -19.73
CA ALA D 87 31.07 -1.31 -18.97
C ALA D 87 30.15 -0.95 -17.81
N ALA D 88 28.87 -1.30 -17.92
CA ALA D 88 27.79 -0.92 -16.98
C ALA D 88 26.52 -1.71 -17.31
N THR D 89 25.46 -1.50 -16.52
CA THR D 89 24.09 -1.96 -16.80
C THR D 89 23.25 -0.74 -17.20
N TYR D 90 22.51 -0.87 -18.30
CA TYR D 90 21.65 0.18 -18.90
C TYR D 90 20.19 -0.19 -18.67
N TYR D 91 19.35 0.81 -18.34
CA TYR D 91 17.93 0.67 -17.95
C TYR D 91 17.10 1.69 -18.74
N CYS D 92 15.91 1.29 -19.20
CA CYS D 92 14.91 2.22 -19.81
C CYS D 92 13.78 2.38 -18.78
N GLN D 93 13.15 3.56 -18.74
CA GLN D 93 11.89 3.81 -17.97
C GLN D 93 10.99 4.76 -18.77
N HIS D 94 9.71 4.76 -18.42
CA HIS D 94 8.64 5.60 -19.00
C HIS D 94 7.94 6.39 -17.89
N SER D 95 7.27 7.48 -18.25
CA SER D 95 6.36 8.24 -17.36
C SER D 95 5.05 8.56 -18.09
N ARG D 96 4.50 7.60 -18.84
CA ARG D 96 3.24 7.77 -19.60
C ARG D 96 2.05 7.76 -18.62
N GLU D 97 1.98 6.74 -17.75
CA GLU D 97 0.98 6.65 -16.64
C GLU D 97 1.71 6.19 -15.37
N LEU D 98 1.00 6.00 -14.27
CA LEU D 98 1.57 5.44 -13.02
C LEU D 98 1.17 3.98 -12.89
N PRO D 99 1.98 3.12 -12.23
CA PRO D 99 3.29 3.51 -11.69
C PRO D 99 4.37 3.62 -12.76
N LEU D 100 5.42 4.39 -12.50
CA LEU D 100 6.64 4.38 -13.36
C LEU D 100 7.24 2.98 -13.27
N THR D 101 7.54 2.37 -14.41
CA THR D 101 8.27 1.07 -14.49
C THR D 101 9.58 1.26 -15.25
N PHE D 102 10.50 0.32 -15.03
CA PHE D 102 11.86 0.25 -15.63
C PHE D 102 11.95 -1.10 -16.35
N GLY D 103 12.79 -1.19 -17.38
CA GLY D 103 13.24 -2.49 -17.92
C GLY D 103 14.04 -3.26 -16.89
N ALA D 104 14.19 -4.57 -17.09
CA ALA D 104 14.99 -5.48 -16.24
C ALA D 104 16.48 -5.21 -16.42
N GLY D 105 16.85 -4.42 -17.45
CA GLY D 105 18.23 -3.92 -17.67
C GLY D 105 18.98 -4.73 -18.70
N THR D 106 20.00 -4.14 -19.32
CA THR D 106 20.95 -4.81 -20.25
C THR D 106 22.38 -4.56 -19.75
N LYS D 107 23.11 -5.62 -19.40
CA LYS D 107 24.52 -5.58 -18.92
C LYS D 107 25.46 -5.66 -20.13
N LEU D 108 26.28 -4.61 -20.32
CA LEU D 108 27.21 -4.46 -21.48
C LEU D 108 28.62 -4.88 -21.04
N GLU D 109 29.13 -5.99 -21.59
CA GLU D 109 30.54 -6.46 -21.46
C GLU D 109 31.38 -5.85 -22.59
N ILE D 110 32.57 -5.33 -22.26
CA ILE D 110 33.53 -4.75 -23.22
C ILE D 110 34.59 -5.81 -23.55
N LYS D 111 34.63 -6.26 -24.81
CA LYS D 111 35.61 -7.27 -25.30
C LYS D 111 36.97 -6.59 -25.47
N ARG D 112 38.06 -7.31 -25.17
CA ARG D 112 39.46 -6.85 -25.31
C ARG D 112 40.36 -8.06 -25.59
N THR D 113 41.62 -7.81 -25.95
CA THR D 113 42.62 -8.88 -26.25
C THR D 113 42.78 -9.76 -25.00
N VAL D 114 42.93 -11.08 -25.21
CA VAL D 114 43.17 -12.07 -24.13
C VAL D 114 44.31 -11.55 -23.24
N ALA D 115 44.18 -11.70 -21.91
CA ALA D 115 45.17 -11.24 -20.91
C ALA D 115 45.16 -12.22 -19.72
N ALA D 116 46.34 -12.69 -19.32
CA ALA D 116 46.51 -13.78 -18.33
C ALA D 116 46.52 -13.19 -16.91
N PRO D 117 46.11 -13.99 -15.89
CA PRO D 117 46.09 -13.54 -14.51
C PRO D 117 47.47 -13.49 -13.82
N SER D 118 47.65 -12.59 -12.86
CA SER D 118 48.75 -12.59 -11.86
C SER D 118 48.28 -13.39 -10.64
N VAL D 119 48.72 -14.65 -10.50
CA VAL D 119 48.26 -15.56 -9.41
C VAL D 119 49.08 -15.29 -8.15
N PHE D 120 48.42 -15.25 -6.99
CA PHE D 120 49.03 -15.17 -5.63
C PHE D 120 48.31 -16.19 -4.72
N ILE D 121 48.91 -16.50 -3.57
CA ILE D 121 48.31 -17.40 -2.53
C ILE D 121 48.60 -16.81 -1.15
N PHE D 122 47.72 -17.08 -0.17
CA PHE D 122 47.74 -16.44 1.18
C PHE D 122 47.55 -17.50 2.26
N PRO D 123 48.46 -17.57 3.25
CA PRO D 123 48.31 -18.49 4.38
C PRO D 123 47.26 -17.97 5.36
N PRO D 124 46.58 -18.87 6.10
CA PRO D 124 45.76 -18.45 7.24
C PRO D 124 46.59 -17.66 8.26
N SER D 125 46.10 -16.48 8.66
CA SER D 125 46.69 -15.61 9.70
C SER D 125 46.86 -16.39 11.01
N ASP D 126 47.66 -15.88 11.95
CA ASP D 126 47.81 -16.45 13.31
C ASP D 126 46.50 -16.26 14.08
N GLU D 127 45.89 -15.07 13.99
CA GLU D 127 44.69 -14.68 14.78
C GLU D 127 43.46 -15.51 14.37
N GLN D 128 43.37 -15.92 13.09
CA GLN D 128 42.23 -16.74 12.57
C GLN D 128 42.33 -18.15 13.15
N LEU D 129 43.54 -18.70 13.18
CA LEU D 129 43.84 -20.07 13.68
C LEU D 129 43.50 -20.16 15.17
N LYS D 130 43.61 -19.05 15.90
CA LYS D 130 43.23 -18.92 17.33
C LYS D 130 41.73 -19.22 17.50
N SER D 131 40.88 -18.66 16.63
CA SER D 131 39.40 -18.78 16.68
C SER D 131 38.96 -20.23 16.42
N GLY D 132 39.67 -20.96 15.54
CA GLY D 132 39.46 -22.41 15.32
C GLY D 132 39.28 -22.80 13.86
N THR D 133 39.14 -21.82 12.95
CA THR D 133 38.95 -22.05 11.49
C THR D 133 40.21 -21.62 10.73
N ALA D 134 40.34 -22.05 9.47
CA ALA D 134 41.49 -21.76 8.57
C ALA D 134 41.01 -21.52 7.14
N SER D 135 41.27 -20.31 6.61
CA SER D 135 40.93 -19.89 5.23
C SER D 135 42.22 -19.80 4.40
N VAL D 136 42.26 -20.46 3.23
CA VAL D 136 43.39 -20.38 2.25
C VAL D 136 42.86 -19.69 1.00
N VAL D 137 43.34 -18.46 0.73
CA VAL D 137 42.83 -17.57 -0.35
C VAL D 137 43.80 -17.60 -1.53
N CYS D 138 43.28 -17.84 -2.74
CA CYS D 138 44.03 -17.78 -4.02
C CYS D 138 43.47 -16.64 -4.87
N LEU D 139 44.31 -15.68 -5.26
CA LEU D 139 43.96 -14.46 -6.03
C LEU D 139 44.37 -14.63 -7.49
N LEU D 140 43.46 -14.32 -8.43
CA LEU D 140 43.72 -14.24 -9.89
C LEU D 140 43.46 -12.79 -10.35
N ASN D 141 44.51 -11.98 -10.48
CA ASN D 141 44.43 -10.50 -10.63
C ASN D 141 44.36 -10.12 -12.13
N ASN D 142 43.39 -9.29 -12.49
CA ASN D 142 43.29 -8.53 -13.78
C ASN D 142 43.54 -9.45 -14.97
N PHE D 143 42.57 -10.29 -15.33
CA PHE D 143 42.60 -11.21 -16.50
C PHE D 143 41.38 -10.97 -17.41
N TYR D 144 41.34 -11.62 -18.58
CA TYR D 144 40.21 -11.64 -19.55
C TYR D 144 40.44 -12.72 -20.60
N PRO D 145 39.42 -13.51 -21.02
CA PRO D 145 38.05 -13.42 -20.51
C PRO D 145 37.82 -13.98 -19.10
N ARG D 146 36.54 -13.98 -18.68
CA ARG D 146 36.05 -14.28 -17.30
C ARG D 146 36.19 -15.78 -16.97
N GLU D 147 36.16 -16.65 -17.98
CA GLU D 147 36.25 -18.13 -17.84
C GLU D 147 37.61 -18.49 -17.24
N ALA D 148 37.61 -19.10 -16.05
CA ALA D 148 38.83 -19.56 -15.35
C ALA D 148 38.54 -20.84 -14.56
N LYS D 149 39.57 -21.67 -14.37
CA LYS D 149 39.50 -22.97 -13.64
C LYS D 149 40.59 -22.97 -12.56
N VAL D 150 40.21 -23.27 -11.31
CA VAL D 150 41.11 -23.23 -10.11
C VAL D 150 41.15 -24.64 -9.48
N GLN D 151 42.35 -25.24 -9.35
CA GLN D 151 42.58 -26.57 -8.73
C GLN D 151 43.37 -26.38 -7.43
N TRP D 152 42.86 -26.91 -6.31
CA TRP D 152 43.53 -26.90 -4.98
C TRP D 152 44.25 -28.24 -4.75
N LYS D 153 45.45 -28.21 -4.16
CA LYS D 153 46.22 -29.42 -3.76
C LYS D 153 46.79 -29.22 -2.35
N VAL D 154 46.66 -30.22 -1.47
CA VAL D 154 47.23 -30.27 -0.09
C VAL D 154 48.04 -31.57 0.04
N ASP D 155 49.37 -31.44 0.10
CA ASP D 155 50.33 -32.58 0.08
C ASP D 155 50.05 -33.43 -1.17
N ASN D 156 49.94 -32.76 -2.33
CA ASN D 156 49.77 -33.39 -3.66
C ASN D 156 48.43 -34.16 -3.72
N ALA D 157 47.41 -33.70 -2.99
CA ALA D 157 46.06 -34.30 -2.91
C ALA D 157 45.01 -33.32 -3.46
N LEU D 158 44.45 -33.57 -4.65
CA LEU D 158 43.43 -32.72 -5.31
C LEU D 158 42.12 -32.76 -4.51
N GLN D 159 41.62 -31.60 -4.04
CA GLN D 159 40.36 -31.48 -3.26
C GLN D 159 39.22 -31.01 -4.16
N SER D 160 37.98 -31.03 -3.63
CA SER D 160 36.73 -30.61 -4.31
C SER D 160 35.60 -30.44 -3.28
N GLY D 161 34.80 -29.37 -3.42
CA GLY D 161 33.55 -29.14 -2.67
C GLY D 161 33.72 -28.40 -1.35
N ASN D 162 34.94 -27.91 -1.06
CA ASN D 162 35.28 -27.16 0.19
C ASN D 162 35.83 -25.78 -0.16
N SER D 163 35.61 -25.32 -1.40
CA SER D 163 36.06 -23.99 -1.94
C SER D 163 34.88 -23.23 -2.54
N GLN D 164 34.98 -21.90 -2.60
CA GLN D 164 33.97 -20.98 -3.19
C GLN D 164 34.69 -19.86 -3.95
N GLU D 165 34.17 -19.47 -5.11
CA GLU D 165 34.74 -18.42 -6.00
C GLU D 165 33.89 -17.14 -5.93
N SER D 166 34.50 -15.99 -6.19
CA SER D 166 33.82 -14.66 -6.26
C SER D 166 34.56 -13.75 -7.26
N VAL D 167 33.86 -13.25 -8.27
CA VAL D 167 34.41 -12.44 -9.40
C VAL D 167 33.99 -10.97 -9.21
N THR D 168 34.89 -10.01 -9.48
CA THR D 168 34.59 -8.55 -9.48
C THR D 168 33.81 -8.17 -10.74
N GLU D 169 33.24 -6.96 -10.74
CA GLU D 169 32.62 -6.35 -11.94
C GLU D 169 33.76 -5.96 -12.89
N GLN D 170 33.50 -5.99 -14.21
CA GLN D 170 34.48 -5.59 -15.25
C GLN D 170 35.07 -4.22 -14.90
N ASP D 171 36.38 -4.04 -15.03
CA ASP D 171 37.10 -2.79 -14.65
C ASP D 171 36.80 -1.67 -15.66
N SER D 172 36.59 -0.45 -15.17
CA SER D 172 36.23 0.75 -15.98
C SER D 172 37.41 1.20 -16.86
N LYS D 173 38.66 0.93 -16.44
CA LYS D 173 39.89 1.43 -17.12
C LYS D 173 40.41 0.41 -18.16
N ASP D 174 40.54 -0.87 -17.78
CA ASP D 174 41.26 -1.91 -18.59
C ASP D 174 40.35 -3.08 -19.00
N SER D 175 39.09 -3.12 -18.57
CA SER D 175 38.06 -4.11 -19.00
C SER D 175 38.41 -5.54 -18.55
N THR D 176 39.21 -5.68 -17.48
CA THR D 176 39.63 -7.00 -16.92
C THR D 176 38.78 -7.36 -15.70
N TYR D 177 38.81 -8.64 -15.32
CA TYR D 177 38.16 -9.23 -14.13
C TYR D 177 39.25 -9.67 -13.13
N SER D 178 38.87 -9.86 -11.86
CA SER D 178 39.69 -10.50 -10.80
C SER D 178 38.82 -11.50 -10.03
N LEU D 179 39.43 -12.57 -9.48
CA LEU D 179 38.71 -13.73 -8.87
C LEU D 179 39.39 -14.16 -7.58
N SER D 180 38.61 -14.49 -6.54
CA SER D 180 39.09 -15.02 -5.24
C SER D 180 38.40 -16.36 -4.94
N SER D 181 39.13 -17.47 -5.12
CA SER D 181 38.77 -18.83 -4.63
C SER D 181 39.30 -19.00 -3.20
N THR D 182 38.42 -19.40 -2.28
CA THR D 182 38.74 -19.50 -0.82
C THR D 182 38.45 -20.93 -0.33
N LEU D 183 39.52 -21.70 -0.07
CA LEU D 183 39.43 -23.06 0.53
C LEU D 183 39.23 -22.93 2.05
N THR D 184 38.25 -23.65 2.61
CA THR D 184 37.87 -23.62 4.05
C THR D 184 38.16 -24.99 4.69
N LEU D 185 38.95 -24.99 5.77
CA LEU D 185 39.33 -26.18 6.59
C LEU D 185 39.20 -25.83 8.08
N SER D 186 39.25 -26.84 8.96
CA SER D 186 39.37 -26.70 10.42
C SER D 186 40.86 -26.56 10.78
N LYS D 187 41.15 -25.97 11.95
CA LYS D 187 42.53 -25.82 12.50
C LYS D 187 43.25 -27.17 12.41
N ALA D 188 42.57 -28.25 12.82
CA ALA D 188 43.11 -29.63 12.92
C ALA D 188 43.59 -30.13 11.56
N ASP D 189 42.69 -30.14 10.55
CA ASP D 189 42.97 -30.64 9.17
C ASP D 189 44.13 -29.84 8.55
N TYR D 190 44.22 -28.54 8.87
CA TYR D 190 45.28 -27.63 8.36
C TYR D 190 46.63 -28.01 8.97
N GLU D 191 46.68 -28.17 10.30
CA GLU D 191 47.91 -28.53 11.06
C GLU D 191 48.37 -29.95 10.71
N LYS D 192 47.49 -30.77 10.14
CA LYS D 192 47.73 -32.19 9.78
C LYS D 192 48.58 -32.30 8.50
N HIS D 193 48.49 -31.31 7.58
CA HIS D 193 49.21 -31.29 6.28
C HIS D 193 50.24 -30.16 6.25
N LYS D 194 50.98 -30.02 5.13
CA LYS D 194 52.25 -29.25 5.05
C LYS D 194 52.25 -28.28 3.85
N VAL D 195 52.18 -28.80 2.61
CA VAL D 195 52.33 -28.01 1.34
C VAL D 195 50.93 -27.71 0.77
N TYR D 196 50.61 -26.41 0.61
CA TYR D 196 49.32 -25.89 0.08
C TYR D 196 49.56 -25.23 -1.28
N ALA D 197 48.80 -25.63 -2.32
CA ALA D 197 49.05 -25.31 -3.75
C ALA D 197 47.76 -24.89 -4.48
N CYS D 198 47.85 -23.86 -5.32
CA CYS D 198 46.77 -23.32 -6.19
C CYS D 198 47.21 -23.41 -7.65
N GLU D 199 46.41 -24.07 -8.51
CA GLU D 199 46.72 -24.30 -9.96
C GLU D 199 45.61 -23.67 -10.81
N VAL D 200 45.98 -22.74 -11.70
CA VAL D 200 45.05 -21.87 -12.50
C VAL D 200 45.14 -22.25 -13.98
N THR D 201 44.03 -22.68 -14.60
CA THR D 201 43.90 -22.88 -16.07
C THR D 201 43.15 -21.69 -16.68
N HIS D 202 43.81 -20.92 -17.54
CA HIS D 202 43.27 -19.73 -18.25
C HIS D 202 43.83 -19.68 -19.67
N GLN D 203 42.98 -19.33 -20.65
CA GLN D 203 43.30 -19.27 -22.10
C GLN D 203 44.58 -18.45 -22.35
N GLY D 204 44.81 -17.41 -21.54
CA GLY D 204 45.93 -16.46 -21.71
C GLY D 204 47.27 -17.04 -21.26
N LEU D 205 47.28 -18.18 -20.56
CA LEU D 205 48.51 -18.91 -20.15
C LEU D 205 48.71 -20.12 -21.07
N SER D 206 49.96 -20.40 -21.46
CA SER D 206 50.33 -21.52 -22.37
C SER D 206 50.16 -22.86 -21.64
N SER D 207 50.56 -22.93 -20.37
CA SER D 207 50.46 -24.14 -19.51
C SER D 207 50.00 -23.72 -18.10
N PRO D 208 48.95 -24.38 -17.54
CA PRO D 208 48.41 -24.02 -16.23
C PRO D 208 49.43 -23.78 -15.11
N VAL D 209 49.47 -22.56 -14.57
CA VAL D 209 50.50 -22.07 -13.59
C VAL D 209 50.05 -22.46 -12.18
N THR D 210 51.01 -22.69 -11.28
CA THR D 210 50.81 -23.09 -9.86
C THR D 210 51.61 -22.16 -8.93
N LYS D 211 51.01 -21.77 -7.81
CA LYS D 211 51.68 -21.04 -6.69
C LYS D 211 51.41 -21.83 -5.40
N SER D 212 52.39 -21.89 -4.48
CA SER D 212 52.32 -22.71 -3.24
C SER D 212 53.24 -22.17 -2.14
N PHE D 213 52.86 -22.41 -0.88
CA PHE D 213 53.68 -22.21 0.34
C PHE D 213 53.69 -23.52 1.14
N ASN D 214 54.69 -23.73 1.99
CA ASN D 214 54.68 -24.80 3.04
C ASN D 214 54.56 -24.11 4.40
N ARG D 215 53.80 -24.71 5.30
CA ARG D 215 53.43 -24.17 6.63
C ARG D 215 54.71 -23.96 7.45
N GLY D 216 54.94 -22.75 7.97
CA GLY D 216 56.16 -22.35 8.69
C GLY D 216 57.01 -21.38 7.87
N GLU D 217 57.40 -20.25 8.46
CA GLU D 217 58.06 -19.10 7.76
C GLU D 217 58.80 -18.22 8.78
N CYS D 218 59.14 -16.97 8.40
CA CYS D 218 59.86 -15.97 9.24
C CYS D 218 58.92 -14.84 9.66
N GLU E 1 26.15 23.07 -4.83
CA GLU E 1 26.16 21.67 -5.32
C GLU E 1 24.95 20.91 -4.77
N VAL E 2 24.26 20.16 -5.62
CA VAL E 2 23.06 19.34 -5.27
C VAL E 2 23.53 18.02 -4.66
N LYS E 3 23.07 17.70 -3.44
CA LYS E 3 23.33 16.41 -2.76
C LYS E 3 22.03 15.88 -2.17
N LEU E 4 21.90 14.54 -2.10
CA LEU E 4 20.87 13.80 -1.32
C LEU E 4 21.56 12.62 -0.64
N GLN E 5 21.26 12.35 0.65
CA GLN E 5 21.80 11.17 1.38
C GLN E 5 20.66 10.47 2.15
N GLU E 6 20.48 9.18 1.88
CA GLU E 6 19.52 8.29 2.59
C GLU E 6 20.19 7.82 3.89
N SER E 7 19.41 7.66 4.97
CA SER E 7 19.86 7.07 6.26
C SER E 7 18.73 6.24 6.86
N GLY E 8 19.05 5.05 7.39
CA GLY E 8 18.05 4.15 8.01
C GLY E 8 18.69 2.90 8.60
N PRO E 9 17.89 2.02 9.24
CA PRO E 9 18.39 0.74 9.75
C PRO E 9 18.76 -0.21 8.61
N GLY E 10 19.86 -0.94 8.77
CA GLY E 10 20.35 -1.92 7.78
C GLY E 10 19.66 -3.26 7.93
N LEU E 11 19.07 -3.52 9.11
CA LEU E 11 18.37 -4.80 9.44
C LEU E 11 17.03 -4.47 10.11
N VAL E 12 15.98 -5.18 9.69
CA VAL E 12 14.61 -5.10 10.28
C VAL E 12 14.02 -6.52 10.29
N ALA E 13 13.23 -6.84 11.31
CA ALA E 13 12.54 -8.14 11.48
C ALA E 13 11.26 -8.15 10.64
N PRO E 14 10.83 -9.31 10.09
CA PRO E 14 9.60 -9.40 9.33
C PRO E 14 8.38 -8.93 10.15
N SER E 15 7.40 -8.32 9.47
CA SER E 15 6.13 -7.78 10.03
C SER E 15 6.36 -6.53 10.89
N GLN E 16 7.62 -6.07 11.07
CA GLN E 16 7.97 -4.80 11.75
C GLN E 16 7.80 -3.64 10.76
N SER E 17 8.28 -2.45 11.13
CA SER E 17 8.23 -1.19 10.33
C SER E 17 9.62 -0.81 9.84
N LEU E 18 9.70 0.04 8.82
CA LEU E 18 10.96 0.61 8.25
C LEU E 18 10.77 2.13 8.08
N SER E 19 11.69 2.92 8.63
CA SER E 19 11.72 4.40 8.50
C SER E 19 13.04 4.81 7.86
N ILE E 20 13.00 5.46 6.69
CA ILE E 20 14.21 6.00 6.02
C ILE E 20 14.05 7.51 5.90
N THR E 21 15.16 8.23 6.02
CA THR E 21 15.23 9.71 5.94
C THR E 21 16.17 10.07 4.78
N CYS E 22 15.71 10.94 3.88
CA CYS E 22 16.50 11.48 2.74
C CYS E 22 16.77 12.94 3.06
N THR E 23 18.04 13.28 3.30
CA THR E 23 18.50 14.63 3.71
C THR E 23 19.11 15.30 2.48
N VAL E 24 18.57 16.44 2.05
CA VAL E 24 18.99 17.14 0.79
C VAL E 24 19.63 18.48 1.15
N SER E 25 20.48 18.98 0.23
CA SER E 25 21.13 20.32 0.26
C SER E 25 21.46 20.75 -1.17
N GLY E 26 21.48 22.07 -1.41
CA GLY E 26 21.78 22.69 -2.73
C GLY E 26 20.51 23.03 -3.50
N PHE E 27 19.33 22.84 -2.91
CA PHE E 27 18.03 23.14 -3.54
C PHE E 27 16.92 23.05 -2.48
N SER E 28 15.82 23.77 -2.69
CA SER E 28 14.61 23.79 -1.80
C SER E 28 13.62 22.71 -2.22
N LEU E 29 13.06 21.99 -1.25
CA LEU E 29 11.97 20.99 -1.45
C LEU E 29 10.64 21.68 -1.73
N THR E 30 10.57 23.01 -1.63
CA THR E 30 9.36 23.79 -2.03
C THR E 30 9.22 23.78 -3.56
N GLY E 31 10.33 23.67 -4.28
CA GLY E 31 10.34 23.83 -5.76
C GLY E 31 10.47 22.52 -6.50
N TYR E 32 11.25 21.57 -5.97
CA TYR E 32 11.52 20.25 -6.60
C TYR E 32 10.75 19.17 -5.85
N GLY E 33 10.27 18.16 -6.59
CA GLY E 33 9.76 16.90 -6.04
C GLY E 33 10.88 15.88 -5.91
N VAL E 34 10.66 14.84 -5.08
CA VAL E 34 11.66 13.80 -4.72
C VAL E 34 10.95 12.44 -4.72
N ASN E 35 11.59 11.44 -5.34
CA ASN E 35 11.07 10.06 -5.49
C ASN E 35 11.79 9.13 -4.51
N TRP E 36 11.13 8.03 -4.13
CA TRP E 36 11.76 6.83 -3.53
C TRP E 36 11.80 5.71 -4.58
N VAL E 37 13.01 5.21 -4.87
CA VAL E 37 13.27 4.06 -5.79
C VAL E 37 14.11 3.03 -5.05
N ARG E 38 13.76 1.74 -5.13
CA ARG E 38 14.50 0.64 -4.46
C ARG E 38 15.05 -0.33 -5.51
N GLN E 39 16.15 -1.01 -5.17
CA GLN E 39 16.84 -2.00 -6.04
C GLN E 39 17.15 -3.25 -5.20
N PRO E 40 16.42 -4.37 -5.37
CA PRO E 40 16.80 -5.62 -4.71
C PRO E 40 18.16 -6.10 -5.21
N PRO E 41 19.04 -6.64 -4.34
CA PRO E 41 20.39 -7.05 -4.77
C PRO E 41 20.30 -8.06 -5.90
N GLY E 42 21.11 -7.87 -6.95
CA GLY E 42 21.13 -8.71 -8.17
C GLY E 42 20.14 -8.24 -9.24
N LYS E 43 18.98 -7.73 -8.83
CA LYS E 43 17.82 -7.42 -9.73
C LYS E 43 17.85 -5.93 -10.11
N GLY E 44 16.71 -5.39 -10.56
CA GLY E 44 16.57 -4.05 -11.15
C GLY E 44 15.67 -3.11 -10.35
N LEU E 45 15.21 -2.03 -10.97
CA LEU E 45 14.69 -0.81 -10.29
C LEU E 45 13.16 -0.84 -10.21
N GLU E 46 12.63 -0.51 -9.02
CA GLU E 46 11.18 -0.44 -8.72
C GLU E 46 10.87 0.94 -8.14
N TRP E 47 9.97 1.68 -8.76
CA TRP E 47 9.51 3.02 -8.29
C TRP E 47 8.48 2.82 -7.17
N LEU E 48 8.69 3.49 -6.02
CA LEU E 48 7.84 3.39 -4.82
C LEU E 48 6.84 4.54 -4.75
N GLY E 49 7.28 5.79 -4.94
CA GLY E 49 6.40 6.98 -4.83
C GLY E 49 7.17 8.28 -5.00
N MET E 50 6.47 9.40 -4.85
CA MET E 50 6.98 10.77 -5.13
C MET E 50 6.27 11.77 -4.19
N ILE E 51 6.98 12.79 -3.71
CA ILE E 51 6.36 13.95 -2.99
C ILE E 51 6.82 15.23 -3.68
N TRP E 52 5.87 15.93 -4.32
CA TRP E 52 6.11 17.14 -5.14
C TRP E 52 6.31 18.34 -4.21
N GLY E 53 6.81 19.46 -4.75
CA GLY E 53 6.96 20.75 -4.06
C GLY E 53 5.73 21.14 -3.24
N ASP E 54 4.54 21.11 -3.84
CA ASP E 54 3.28 21.60 -3.21
C ASP E 54 2.79 20.65 -2.13
N GLY E 55 3.31 19.42 -2.08
CA GLY E 55 2.94 18.41 -1.06
C GLY E 55 2.15 17.23 -1.64
N ILE E 56 1.69 17.30 -2.89
CA ILE E 56 0.96 16.18 -3.54
C ILE E 56 1.90 14.98 -3.58
N THR E 57 1.37 13.81 -3.26
CA THR E 57 2.15 12.58 -2.96
C THR E 57 1.54 11.46 -3.79
N ASP E 58 2.34 10.83 -4.67
CA ASP E 58 1.88 9.73 -5.56
C ASP E 58 2.56 8.44 -5.15
N TYR E 59 1.82 7.33 -5.15
CA TYR E 59 2.32 6.00 -4.74
C TYR E 59 2.10 4.97 -5.86
N ASN E 60 3.05 4.06 -6.02
CA ASN E 60 2.90 2.76 -6.73
C ASN E 60 1.67 2.06 -6.16
N SER E 61 0.65 1.80 -6.99
CA SER E 61 -0.68 1.30 -6.57
C SER E 61 -0.55 -0.06 -5.86
N ALA E 62 0.41 -0.90 -6.24
CA ALA E 62 0.61 -2.27 -5.71
C ALA E 62 1.05 -2.27 -4.23
N LEU E 63 1.59 -1.17 -3.72
CA LEU E 63 2.14 -1.07 -2.34
C LEU E 63 1.54 0.12 -1.58
N LYS E 64 0.53 0.79 -2.15
CA LYS E 64 -0.05 2.04 -1.56
C LYS E 64 -0.50 1.78 -0.13
N SER E 65 -0.97 0.56 0.17
CA SER E 65 -1.56 0.18 1.49
C SER E 65 -0.49 0.11 2.59
N ARG E 66 0.79 -0.02 2.24
CA ARG E 66 1.91 -0.20 3.18
C ARG E 66 2.83 1.02 3.21
N LEU E 67 2.75 1.92 2.23
CA LEU E 67 3.69 3.06 2.08
C LEU E 67 3.11 4.33 2.71
N SER E 68 3.98 5.18 3.23
CA SER E 68 3.68 6.54 3.73
C SER E 68 4.87 7.44 3.41
N ILE E 69 4.65 8.53 2.68
CA ILE E 69 5.73 9.48 2.25
C ILE E 69 5.33 10.87 2.72
N SER E 70 6.23 11.53 3.45
CA SER E 70 6.00 12.86 4.07
C SER E 70 7.29 13.68 3.90
N LYS E 71 7.25 14.97 4.23
CA LYS E 71 8.48 15.81 4.22
C LYS E 71 8.40 16.94 5.24
N ASP E 72 9.53 17.62 5.45
CA ASP E 72 9.68 18.87 6.25
C ASP E 72 10.52 19.84 5.42
N ASN E 73 9.89 20.82 4.78
CA ASN E 73 10.57 21.76 3.85
C ASN E 73 11.68 22.51 4.59
N SER E 74 11.41 22.95 5.83
CA SER E 74 12.30 23.82 6.65
C SER E 74 13.59 23.08 7.04
N LYS E 75 13.53 21.76 7.26
CA LYS E 75 14.68 20.92 7.70
C LYS E 75 15.30 20.16 6.53
N SER E 76 14.82 20.38 5.29
CA SER E 76 15.31 19.74 4.03
C SER E 76 15.37 18.21 4.19
N GLN E 77 14.31 17.61 4.74
CA GLN E 77 14.21 16.14 4.95
C GLN E 77 12.97 15.62 4.21
N VAL E 78 13.10 14.50 3.51
CA VAL E 78 11.98 13.70 2.94
C VAL E 78 11.97 12.34 3.66
N PHE E 79 10.79 11.83 4.01
CA PHE E 79 10.61 10.57 4.80
C PHE E 79 9.87 9.51 3.98
N LEU E 80 10.30 8.26 4.14
CA LEU E 80 9.57 7.03 3.71
C LEU E 80 9.34 6.14 4.94
N LYS E 81 8.15 5.56 5.05
CA LYS E 81 7.81 4.57 6.12
C LYS E 81 6.99 3.44 5.49
N MET E 82 7.43 2.19 5.71
CA MET E 82 6.83 0.98 5.10
C MET E 82 6.50 -0.03 6.19
N ASN E 83 5.25 -0.52 6.22
CA ASN E 83 4.71 -1.42 7.26
C ASN E 83 4.72 -2.85 6.74
N SER E 84 4.55 -3.84 7.63
CA SER E 84 4.29 -5.26 7.31
C SER E 84 5.36 -5.79 6.35
N LEU E 85 6.63 -5.65 6.74
CA LEU E 85 7.80 -5.92 5.86
C LEU E 85 7.97 -7.43 5.67
N GLN E 86 8.06 -7.86 4.40
CA GLN E 86 8.31 -9.26 3.96
C GLN E 86 9.78 -9.36 3.55
N THR E 87 10.29 -10.56 3.30
CA THR E 87 11.72 -10.81 2.95
C THR E 87 12.07 -10.11 1.63
N ASP E 88 11.15 -10.05 0.66
CA ASP E 88 11.43 -9.51 -0.71
C ASP E 88 11.25 -7.97 -0.73
N ASP E 89 11.21 -7.33 0.44
CA ASP E 89 11.41 -5.87 0.60
C ASP E 89 12.91 -5.59 0.88
N THR E 90 13.72 -6.64 0.92
CA THR E 90 15.20 -6.57 1.04
C THR E 90 15.74 -5.87 -0.21
N ALA E 91 16.35 -4.69 -0.06
CA ALA E 91 16.88 -3.89 -1.19
C ALA E 91 17.67 -2.68 -0.68
N ARG E 92 18.46 -2.08 -1.57
CA ARG E 92 19.00 -0.71 -1.44
C ARG E 92 17.86 0.27 -1.76
N TYR E 93 17.62 1.25 -0.89
CA TYR E 93 16.53 2.25 -1.03
C TYR E 93 17.15 3.61 -1.36
N TYR E 94 16.85 4.16 -2.55
CA TYR E 94 17.36 5.46 -3.07
C TYR E 94 16.27 6.55 -3.00
N CYS E 95 16.68 7.80 -2.80
CA CYS E 95 15.85 9.00 -3.07
C CYS E 95 16.46 9.75 -4.26
N ALA E 96 15.63 10.18 -5.21
CA ALA E 96 16.09 10.81 -6.48
C ALA E 96 15.23 12.03 -6.79
N ARG E 97 15.85 13.15 -7.13
CA ARG E 97 15.14 14.43 -7.41
C ARG E 97 14.50 14.38 -8.81
N ASP E 98 13.35 15.03 -8.95
CA ASP E 98 12.63 15.20 -10.25
C ASP E 98 13.56 15.91 -11.25
N TYR E 99 13.83 15.27 -12.38
CA TYR E 99 14.76 15.75 -13.44
C TYR E 99 14.50 17.24 -13.76
N TYR E 100 15.42 18.12 -13.34
CA TYR E 100 15.48 19.60 -13.63
C TYR E 100 14.22 20.33 -13.12
N GLY E 101 13.38 19.66 -12.32
CA GLY E 101 12.14 20.25 -11.78
C GLY E 101 11.09 20.47 -12.85
N ARG E 102 11.22 19.82 -14.01
CA ARG E 102 10.31 20.01 -15.19
C ARG E 102 9.11 19.07 -15.11
N ARG E 103 9.07 18.17 -14.13
CA ARG E 103 7.90 17.28 -13.85
C ARG E 103 7.72 16.31 -15.02
N TYR E 104 8.83 15.90 -15.66
CA TYR E 104 8.85 14.84 -16.72
C TYR E 104 8.73 13.46 -16.06
N TYR E 105 8.85 13.41 -14.73
CA TYR E 105 8.82 12.17 -13.92
C TYR E 105 9.99 11.27 -14.32
N ALA E 106 11.14 11.88 -14.61
CA ALA E 106 12.49 11.24 -14.64
C ALA E 106 13.34 11.77 -13.47
N MET E 107 14.58 11.29 -13.34
CA MET E 107 15.48 11.62 -12.18
C MET E 107 16.85 12.11 -12.64
N ASP E 108 17.33 13.24 -12.10
CA ASP E 108 18.71 13.75 -12.32
C ASP E 108 19.61 13.23 -11.19
N TYR E 109 19.52 13.82 -10.00
CA TYR E 109 20.46 13.60 -8.87
C TYR E 109 19.91 12.56 -7.89
N TRP E 110 20.70 11.51 -7.60
CA TRP E 110 20.39 10.41 -6.65
C TRP E 110 21.32 10.47 -5.43
N GLY E 111 20.88 9.94 -4.29
CA GLY E 111 21.75 9.61 -3.15
C GLY E 111 22.54 8.34 -3.44
N GLN E 112 23.44 7.95 -2.54
CA GLN E 112 24.27 6.73 -2.74
C GLN E 112 23.43 5.50 -2.38
N GLY E 113 22.35 5.69 -1.63
CA GLY E 113 21.41 4.63 -1.20
C GLY E 113 21.69 4.16 0.23
N THR E 114 20.76 3.42 0.83
CA THR E 114 20.91 2.76 2.16
C THR E 114 20.41 1.32 2.04
N SER E 115 21.25 0.35 2.40
CA SER E 115 20.91 -1.10 2.36
C SER E 115 19.95 -1.45 3.49
N VAL E 116 18.96 -2.30 3.19
CA VAL E 116 18.01 -2.88 4.17
C VAL E 116 17.86 -4.37 3.89
N THR E 117 18.13 -5.21 4.90
CA THR E 117 17.81 -6.66 4.91
C THR E 117 16.62 -6.88 5.83
N VAL E 118 15.69 -7.74 5.43
CA VAL E 118 14.50 -8.13 6.27
C VAL E 118 14.68 -9.60 6.64
N SER E 119 15.04 -9.86 7.90
CA SER E 119 15.36 -11.21 8.45
C SER E 119 15.28 -11.19 9.98
N SER E 120 14.84 -12.31 10.56
CA SER E 120 14.71 -12.54 12.03
C SER E 120 16.10 -12.70 12.66
N ALA E 121 17.01 -13.36 11.92
CA ALA E 121 18.43 -13.58 12.27
C ALA E 121 19.01 -12.33 12.95
N SER E 122 19.94 -12.52 13.89
CA SER E 122 20.57 -11.43 14.69
C SER E 122 21.71 -10.79 13.88
N THR E 123 22.03 -9.52 14.19
CA THR E 123 23.25 -8.83 13.72
C THR E 123 24.49 -9.62 14.17
N LYS E 124 25.61 -9.46 13.47
CA LYS E 124 26.92 -10.03 13.87
C LYS E 124 28.03 -9.25 13.18
N GLY E 125 28.90 -8.60 13.98
CA GLY E 125 30.11 -7.90 13.50
C GLY E 125 31.05 -8.85 12.78
N PRO E 126 31.90 -8.34 11.87
CA PRO E 126 32.90 -9.19 11.19
C PRO E 126 34.15 -9.44 12.03
N SER E 127 34.79 -10.58 11.81
CA SER E 127 36.22 -10.83 12.16
C SER E 127 37.07 -10.47 10.95
N VAL E 128 38.14 -9.69 11.17
CA VAL E 128 39.09 -9.24 10.12
C VAL E 128 40.43 -9.95 10.37
N PHE E 129 41.00 -10.57 9.34
CA PHE E 129 42.30 -11.27 9.38
C PHE E 129 43.18 -10.74 8.26
N PRO E 130 44.48 -10.46 8.51
CA PRO E 130 45.38 -10.00 7.46
C PRO E 130 45.64 -11.11 6.44
N LEU E 131 45.86 -10.73 5.17
CA LEU E 131 46.38 -11.65 4.11
C LEU E 131 47.78 -11.15 3.73
N ALA E 132 48.77 -11.48 4.56
CA ALA E 132 50.17 -11.00 4.47
C ALA E 132 50.84 -11.57 3.22
N PRO E 133 51.76 -10.80 2.58
CA PRO E 133 52.61 -11.28 1.48
C PRO E 133 53.99 -11.78 1.92
N SER E 134 54.65 -12.66 1.13
CA SER E 134 56.06 -13.09 1.33
C SER E 134 56.55 -13.90 0.11
N SER E 135 57.71 -13.54 -0.44
CA SER E 135 58.32 -14.21 -1.61
C SER E 135 59.29 -15.29 -1.12
N GLY E 140 59.21 -10.52 -7.26
CA GLY E 140 59.23 -10.21 -8.70
C GLY E 140 58.51 -8.90 -9.03
N GLY E 141 59.00 -7.78 -8.49
CA GLY E 141 58.54 -6.41 -8.83
C GLY E 141 57.27 -6.02 -8.09
N THR E 142 56.19 -6.80 -8.23
CA THR E 142 54.82 -6.45 -7.77
C THR E 142 54.30 -7.51 -6.78
N ALA E 143 53.90 -7.07 -5.56
CA ALA E 143 53.47 -7.92 -4.43
C ALA E 143 52.00 -7.67 -4.08
N ALA E 144 51.24 -8.73 -3.78
CA ALA E 144 49.80 -8.69 -3.45
C ALA E 144 49.59 -9.02 -1.97
N LEU E 145 48.78 -8.21 -1.28
CA LEU E 145 48.36 -8.41 0.12
C LEU E 145 46.87 -8.05 0.23
N GLY E 146 46.25 -8.23 1.40
CA GLY E 146 44.80 -7.94 1.56
C GLY E 146 44.30 -8.12 2.99
N CYS E 147 42.98 -8.16 3.15
CA CYS E 147 42.24 -8.39 4.42
C CYS E 147 41.08 -9.37 4.16
N LEU E 148 40.93 -10.40 5.00
CA LEU E 148 39.81 -11.38 4.94
C LEU E 148 38.74 -10.97 5.96
N VAL E 149 37.60 -10.46 5.48
CA VAL E 149 36.47 -10.01 6.33
C VAL E 149 35.47 -11.17 6.44
N LYS E 150 35.39 -11.79 7.63
CA LYS E 150 34.71 -13.10 7.81
C LYS E 150 33.58 -12.99 8.84
N ASP E 151 32.47 -13.70 8.55
CA ASP E 151 31.36 -14.03 9.49
C ASP E 151 30.69 -12.73 9.98
N TYR E 152 30.09 -11.98 9.05
CA TYR E 152 29.21 -10.81 9.34
C TYR E 152 27.81 -11.10 8.77
N PHE E 153 26.80 -10.48 9.38
CA PHE E 153 25.40 -10.43 8.88
C PHE E 153 24.69 -9.23 9.50
N PRO E 154 23.90 -8.43 8.74
CA PRO E 154 23.73 -8.62 7.29
C PRO E 154 24.75 -7.86 6.43
N GLU E 155 24.56 -7.89 5.11
CA GLU E 155 25.27 -7.01 4.15
C GLU E 155 24.89 -5.57 4.43
N PRO E 156 25.72 -4.56 4.08
CA PRO E 156 27.08 -4.77 3.57
C PRO E 156 28.18 -4.37 4.56
N VAL E 157 29.43 -4.50 4.13
CA VAL E 157 30.62 -3.88 4.77
C VAL E 157 31.31 -2.97 3.75
N THR E 158 31.93 -1.89 4.22
CA THR E 158 32.74 -0.96 3.38
C THR E 158 34.21 -1.12 3.80
N VAL E 159 35.09 -1.33 2.82
CA VAL E 159 36.55 -1.57 3.00
C VAL E 159 37.31 -0.47 2.24
N SER E 160 38.05 0.37 2.98
CA SER E 160 39.03 1.35 2.47
C SER E 160 40.44 0.91 2.87
N TRP E 161 41.46 1.60 2.35
CA TRP E 161 42.89 1.34 2.67
C TRP E 161 43.61 2.66 3.00
N ASN E 162 44.17 2.75 4.20
CA ASN E 162 44.94 3.91 4.75
C ASN E 162 44.00 5.12 4.79
N SER E 163 42.77 4.91 5.28
CA SER E 163 41.69 5.92 5.39
C SER E 163 41.47 6.58 4.02
N GLY E 164 41.26 5.76 2.99
CA GLY E 164 40.91 6.19 1.62
C GLY E 164 42.09 6.73 0.84
N ALA E 165 43.31 6.66 1.38
CA ALA E 165 44.55 7.16 0.73
C ALA E 165 44.87 6.30 -0.50
N LEU E 166 44.98 4.98 -0.30
CA LEU E 166 45.30 3.99 -1.36
C LEU E 166 43.99 3.47 -1.99
N THR E 167 43.82 3.67 -3.30
CA THR E 167 42.60 3.38 -4.09
C THR E 167 42.93 2.44 -5.26
N SER E 168 43.98 2.75 -6.03
CA SER E 168 44.41 1.98 -7.25
C SER E 168 44.97 0.62 -6.85
N GLY E 169 44.66 -0.42 -7.64
CA GLY E 169 45.10 -1.81 -7.40
C GLY E 169 44.16 -2.59 -6.51
N VAL E 170 43.29 -1.91 -5.75
CA VAL E 170 42.35 -2.50 -4.75
C VAL E 170 41.22 -3.24 -5.50
N HIS E 171 40.84 -4.41 -4.99
CA HIS E 171 39.71 -5.24 -5.48
C HIS E 171 38.96 -5.82 -4.28
N THR E 172 37.88 -5.16 -3.84
CA THR E 172 36.95 -5.66 -2.78
C THR E 172 35.91 -6.57 -3.45
N PHE E 173 35.99 -7.87 -3.19
CA PHE E 173 35.18 -8.92 -3.85
C PHE E 173 33.75 -8.88 -3.34
N PRO E 174 32.74 -9.22 -4.19
CA PRO E 174 31.39 -9.47 -3.71
C PRO E 174 31.39 -10.48 -2.54
N ALA E 175 30.54 -10.25 -1.55
CA ALA E 175 30.32 -11.17 -0.41
C ALA E 175 29.75 -12.49 -0.94
N VAL E 176 29.96 -13.59 -0.22
CA VAL E 176 29.29 -14.89 -0.47
C VAL E 176 28.54 -15.28 0.81
N LEU E 177 27.39 -15.94 0.66
CA LEU E 177 26.62 -16.51 1.79
C LEU E 177 27.12 -17.94 2.05
N GLN E 178 27.77 -18.15 3.20
CA GLN E 178 28.24 -19.48 3.67
C GLN E 178 27.02 -20.26 4.17
N SER E 179 27.13 -21.58 4.30
CA SER E 179 26.03 -22.48 4.79
C SER E 179 25.64 -22.12 6.23
N SER E 180 26.54 -21.44 6.96
CA SER E 180 26.34 -20.92 8.34
C SER E 180 25.24 -19.85 8.38
N GLY E 181 24.94 -19.22 7.23
CA GLY E 181 23.99 -18.10 7.10
C GLY E 181 24.66 -16.76 7.38
N LEU E 182 26.00 -16.73 7.41
CA LEU E 182 26.81 -15.50 7.58
C LEU E 182 27.58 -15.24 6.28
N TYR E 183 27.99 -13.99 6.07
CA TYR E 183 28.65 -13.49 4.84
C TYR E 183 30.16 -13.38 5.07
N SER E 184 30.94 -13.58 4.00
CA SER E 184 32.42 -13.47 4.00
C SER E 184 32.92 -12.95 2.64
N LEU E 185 33.84 -11.97 2.65
CA LEU E 185 34.58 -11.52 1.46
C LEU E 185 36.06 -11.29 1.81
N SER E 186 36.90 -11.23 0.78
CA SER E 186 38.33 -10.82 0.85
C SER E 186 38.50 -9.51 0.07
N SER E 187 39.28 -8.56 0.60
CA SER E 187 39.67 -7.31 -0.09
C SER E 187 41.20 -7.28 -0.26
N VAL E 188 41.68 -7.28 -1.52
CA VAL E 188 43.13 -7.38 -1.85
C VAL E 188 43.60 -6.07 -2.49
N VAL E 189 44.91 -5.88 -2.57
CA VAL E 189 45.60 -4.70 -3.17
C VAL E 189 46.96 -5.15 -3.74
N THR E 190 47.31 -4.72 -4.94
CA THR E 190 48.67 -4.87 -5.54
C THR E 190 49.49 -3.59 -5.31
N VAL E 191 50.64 -3.73 -4.68
CA VAL E 191 51.65 -2.66 -4.41
C VAL E 191 52.99 -3.16 -4.94
N PRO E 192 54.04 -2.31 -5.05
CA PRO E 192 55.36 -2.78 -5.48
C PRO E 192 56.16 -3.41 -4.32
N SER E 193 56.98 -4.42 -4.63
CA SER E 193 57.72 -5.27 -3.65
C SER E 193 58.52 -4.40 -2.66
N SER E 194 59.22 -3.39 -3.17
CA SER E 194 60.11 -2.47 -2.40
C SER E 194 59.40 -1.93 -1.15
N SER E 195 58.16 -1.47 -1.30
CA SER E 195 57.40 -0.66 -0.31
C SER E 195 57.04 -1.48 0.95
N LEU E 196 57.32 -2.79 0.96
CA LEU E 196 57.16 -3.65 2.16
C LEU E 196 58.25 -3.27 3.17
N GLY E 197 57.95 -3.38 4.47
CA GLY E 197 58.88 -3.01 5.56
C GLY E 197 59.07 -1.50 5.66
N THR E 198 59.23 -0.80 4.52
CA THR E 198 59.33 0.68 4.42
C THR E 198 57.99 1.31 4.85
N GLN E 199 56.98 1.27 3.97
CA GLN E 199 55.67 1.94 4.16
C GLN E 199 54.66 0.98 4.78
N THR E 200 53.76 1.50 5.62
CA THR E 200 52.73 0.76 6.39
C THR E 200 51.42 0.71 5.60
N TYR E 201 50.77 -0.47 5.55
CA TYR E 201 49.45 -0.71 4.92
C TYR E 201 48.43 -1.11 5.99
N ILE E 202 47.37 -0.30 6.13
CA ILE E 202 46.23 -0.55 7.07
C ILE E 202 44.94 -0.62 6.26
N CYS E 203 44.16 -1.69 6.46
CA CYS E 203 42.79 -1.87 5.87
C CYS E 203 41.74 -1.52 6.91
N ASN E 204 40.93 -0.49 6.64
CA ASN E 204 39.82 -0.03 7.53
C ASN E 204 38.54 -0.74 7.09
N VAL E 205 37.91 -1.50 8.00
CA VAL E 205 36.70 -2.31 7.70
C VAL E 205 35.53 -1.77 8.51
N ASN E 206 34.37 -1.60 7.86
CA ASN E 206 33.22 -0.89 8.44
C ASN E 206 31.94 -1.71 8.21
N HIS E 207 31.14 -1.88 9.26
CA HIS E 207 29.83 -2.58 9.25
C HIS E 207 28.82 -1.76 10.08
N LYS E 208 28.05 -0.89 9.41
CA LYS E 208 27.10 0.07 10.05
C LYS E 208 26.09 -0.66 10.92
N PRO E 209 25.52 -1.81 10.48
CA PRO E 209 24.50 -2.51 11.27
C PRO E 209 24.92 -2.92 12.70
N SER E 210 26.19 -3.30 12.89
CA SER E 210 26.77 -3.71 14.20
C SER E 210 27.59 -2.56 14.81
N ASN E 211 27.74 -1.45 14.09
CA ASN E 211 28.46 -0.22 14.51
C ASN E 211 29.95 -0.54 14.70
N THR E 212 30.49 -1.54 14.00
CA THR E 212 31.90 -2.01 14.17
C THR E 212 32.81 -1.31 13.14
N LYS E 213 33.93 -0.79 13.63
CA LYS E 213 35.00 -0.09 12.86
C LYS E 213 36.34 -0.72 13.26
N VAL E 214 37.01 -1.40 12.31
CA VAL E 214 38.24 -2.19 12.57
C VAL E 214 39.32 -1.75 11.58
N ASP E 215 40.37 -1.08 12.08
CA ASP E 215 41.62 -0.81 11.33
C ASP E 215 42.56 -2.00 11.60
N LYS E 216 43.32 -2.43 10.59
CA LYS E 216 44.22 -3.61 10.72
C LYS E 216 45.51 -3.39 9.92
N LYS E 217 46.63 -3.26 10.64
CA LYS E 217 48.00 -3.21 10.09
C LYS E 217 48.28 -4.55 9.37
N VAL E 218 48.86 -4.50 8.18
CA VAL E 218 49.23 -5.71 7.38
C VAL E 218 50.73 -5.64 7.06
N GLU E 219 51.53 -6.48 7.74
CA GLU E 219 53.00 -6.62 7.54
C GLU E 219 53.31 -8.06 7.14
N PRO E 220 54.52 -8.37 6.63
CA PRO E 220 54.87 -9.75 6.27
C PRO E 220 55.14 -10.64 7.49
N ALA F 2 9.11 20.12 -23.85
CA ALA F 2 7.99 19.23 -23.67
C ALA F 2 7.16 19.71 -22.48
N PRO F 3 5.82 19.49 -22.47
CA PRO F 3 5.04 19.64 -21.25
C PRO F 3 5.33 18.55 -20.23
N ALA F 4 4.98 18.78 -18.97
CA ALA F 4 5.12 17.82 -17.84
C ALA F 4 4.44 16.49 -18.20
N SER F 5 5.04 15.37 -17.80
CA SER F 5 4.50 14.00 -18.00
C SER F 5 3.00 13.97 -17.76
N PRO F 6 2.22 13.21 -18.56
CA PRO F 6 0.78 13.11 -18.34
C PRO F 6 0.47 12.50 -16.97
N ALA F 7 1.42 11.71 -16.43
CA ALA F 7 1.31 11.04 -15.11
C ALA F 7 1.39 12.06 -13.97
N ALA F 8 2.12 13.16 -14.16
CA ALA F 8 2.23 14.24 -13.15
C ALA F 8 0.92 15.01 -13.10
N PRO F 9 0.62 15.76 -12.02
CA PRO F 9 -0.58 16.59 -11.98
C PRO F 9 -0.60 17.57 -13.16
N ALA F 10 -1.76 18.17 -13.43
CA ALA F 10 -1.95 19.10 -14.57
C ALA F 10 -1.16 20.37 -14.30
#